data_7K5A
#
_entry.id   7K5A
#
_cell.length_a   182.827
_cell.length_b   59.527
_cell.length_c   67.478
_cell.angle_alpha   90.000
_cell.angle_beta   94.880
_cell.angle_gamma   90.000
#
_symmetry.space_group_name_H-M   'C 1 2 1'
#
loop_
_entity.id
_entity.type
_entity.pdbx_description
1 polymer 'Tryptophan synthase alpha chain'
2 polymer 'Tryptophan synthase beta chain'
3 non-polymer DI(HYDROXYETHYL)ETHER
4 non-polymer SERINE
5 non-polymer 'DIMETHYL SULFOXIDE'
6 non-polymer 'CHLORIDE ION'
7 non-polymer 1,2-ETHANEDIOL
8 non-polymer (E)-N-({3-hydroxy-2-methyl-5-[(phosphonooxy)methyl]pyridin-4-yl}methylidene)-L-serine
9 non-polymer 'CESIUM ION'
10 water water
#
loop_
_entity_poly.entity_id
_entity_poly.type
_entity_poly.pdbx_seq_one_letter_code
_entity_poly.pdbx_strand_id
1 'polypeptide(L)'
;MERYENLFAQLNDRREGAFVPFVTLGDPGIEQSLKIIDTLIDAGADALELGVPFSDPLADGPTIQNANLRAFAAGVTPAQ
CFEMLALIREKHPTIPIGLLMYANLVFNNGIDAFYARCEQVGVDSVLVADVPVEESAPFRQAALRHNIAPIFICPPNADD
DLLRQVASYGRGYTYLLSRSGVTGAENRGALPLHHLIEKLKEYHAAPALQGFGISSPEQVSAAVRAGAAGAISGSAIVKI
IEKNLASPKQMLAELRSFVSAMKAASRA
;
A
2 'polypeptide(L)'
;MTTLLNPYFGEFGGMYVPQILMPALNQLEEAFVSAQKDPEFQAQFADLLKNYAGRPTALTKCQNITAGTRTTLYLKREDL
LHGGAHKTNQVLGQALLAKRMGKSEIIAETGAGAHGVASALASALLGLKCRIYMGAKDVERQSPNVFRMRLMGAEVIPVH
SGSATLKDACNEALRDWSGSYETAHYMLGTAAGPHPYPTIVREFQRMIGEETKAQILDKEGRLPDAVIACVGGGSNAIGM
FADFINDTSVGLIGVEPGGHGIETGEHGAPLKHGRVGIYFGMKAPMMQTADGQIEESYSISAGLDFPSVGPQHAYLNSIG
RADYVSITDDEALEAFKTLCRHEGIIPALESSHALAHALKMMREQPEKEQLLVVNLSGRGDKDIFTVHDILKARGEI
;
B
#
loop_
_chem_comp.id
_chem_comp.type
_chem_comp.name
_chem_comp.formula
CL non-polymer 'CHLORIDE ION' 'Cl -1'
CS non-polymer 'CESIUM ION' 'Cs 1'
DMS non-polymer 'DIMETHYL SULFOXIDE' 'C2 H6 O S'
EDO non-polymer 1,2-ETHANEDIOL 'C2 H6 O2'
KOU non-polymer (E)-N-({3-hydroxy-2-methyl-5-[(phosphonooxy)methyl]pyridin-4-yl}methylidene)-L-serine 'C11 H15 N2 O8 P'
PEG non-polymer DI(HYDROXYETHYL)ETHER 'C4 H10 O3'
#
# COMPACT_ATOMS: atom_id res chain seq x y z
N MET A 1 16.03 27.65 -13.22
CA MET A 1 15.26 28.87 -13.63
C MET A 1 14.54 29.44 -12.41
N GLU A 2 13.77 30.52 -12.61
CA GLU A 2 13.07 31.18 -11.52
C GLU A 2 11.61 31.42 -11.91
N ARG A 3 10.93 30.42 -12.52
CA ARG A 3 9.65 30.74 -13.15
C ARG A 3 8.57 31.07 -12.12
N TYR A 4 8.56 30.36 -10.99
CA TYR A 4 7.57 30.68 -9.97
C TYR A 4 7.87 32.04 -9.35
N GLU A 5 9.16 32.34 -9.07
CA GLU A 5 9.52 33.57 -8.39
C GLU A 5 9.13 34.76 -9.29
N ASN A 6 9.32 34.58 -10.59
CA ASN A 6 9.03 35.64 -11.56
C ASN A 6 7.52 35.83 -11.68
N LEU A 7 6.77 34.73 -11.63
CA LEU A 7 5.32 34.83 -11.75
C LEU A 7 4.74 35.59 -10.57
N PHE A 8 5.15 35.19 -9.36
CA PHE A 8 4.63 35.77 -8.13
C PHE A 8 5.01 37.25 -8.06
N ALA A 9 6.22 37.59 -8.51
CA ALA A 9 6.64 38.99 -8.54
C ALA A 9 5.74 39.79 -9.47
N GLN A 10 5.48 39.26 -10.68
CA GLN A 10 4.65 39.92 -11.69
C GLN A 10 3.20 40.01 -11.20
N LEU A 11 2.73 38.97 -10.51
CA LEU A 11 1.38 38.95 -9.96
C LEU A 11 1.26 39.94 -8.80
N ASN A 12 2.31 40.03 -7.97
CA ASN A 12 2.28 40.92 -6.81
C ASN A 12 2.20 42.37 -7.28
N ASP A 13 2.84 42.63 -8.43
CA ASP A 13 2.88 43.95 -9.05
C ASP A 13 1.48 44.33 -9.54
N ARG A 14 0.70 43.32 -9.92
CA ARG A 14 -0.59 43.54 -10.56
C ARG A 14 -1.74 43.30 -9.56
N ARG A 15 -1.37 43.16 -8.27
CA ARG A 15 -2.32 42.91 -7.20
C ARG A 15 -3.28 41.80 -7.62
N GLU A 16 -2.70 40.62 -7.91
CA GLU A 16 -3.41 39.59 -8.63
C GLU A 16 -3.10 38.23 -7.98
N GLY A 17 -4.12 37.37 -7.94
CA GLY A 17 -3.90 35.99 -7.53
C GLY A 17 -3.51 35.13 -8.72
N ALA A 18 -2.83 34.01 -8.43
CA ALA A 18 -2.55 33.03 -9.46
C ALA A 18 -3.75 32.10 -9.58
N PHE A 19 -4.05 31.67 -10.80
CA PHE A 19 -4.95 30.54 -11.02
C PHE A 19 -4.22 29.42 -11.74
N VAL A 20 -4.22 28.22 -11.15
CA VAL A 20 -3.41 27.10 -11.62
C VAL A 20 -4.31 25.88 -11.80
N PRO A 21 -4.59 25.43 -13.04
CA PRO A 21 -5.38 24.21 -13.24
C PRO A 21 -4.54 22.93 -13.25
N PHE A 22 -5.16 21.80 -12.85
CA PHE A 22 -4.55 20.48 -12.94
C PHE A 22 -5.23 19.70 -14.07
N VAL A 23 -4.41 18.98 -14.86
CA VAL A 23 -4.89 18.02 -15.85
C VAL A 23 -3.93 16.82 -15.84
N THR A 24 -4.43 15.66 -16.30
CA THR A 24 -3.64 14.45 -16.44
C THR A 24 -3.06 14.40 -17.86
N LEU A 25 -1.72 14.28 -17.96
CA LEU A 25 -1.05 14.24 -19.25
C LEU A 25 -1.55 13.02 -20.03
N GLY A 26 -1.96 13.26 -21.28
CA GLY A 26 -2.39 12.18 -22.16
C GLY A 26 -3.87 11.81 -22.02
N ASP A 27 -4.61 12.57 -21.21
CA ASP A 27 -6.04 12.36 -21.05
C ASP A 27 -6.78 13.32 -21.96
N PRO A 28 -7.58 12.89 -22.97
CA PRO A 28 -7.90 11.48 -23.24
C PRO A 28 -7.05 10.81 -24.32
N GLY A 29 -6.04 11.52 -24.79
CA GLY A 29 -5.04 11.03 -25.73
C GLY A 29 -3.96 12.10 -25.84
N ILE A 30 -2.80 11.75 -26.42
CA ILE A 30 -1.66 12.66 -26.47
C ILE A 30 -2.02 13.94 -27.25
N GLU A 31 -2.63 13.78 -28.44
CA GLU A 31 -2.91 14.87 -29.34
C GLU A 31 -3.91 15.84 -28.70
N GLN A 32 -5.00 15.27 -28.14
CA GLN A 32 -6.06 16.06 -27.53
C GLN A 32 -5.54 16.69 -26.23
N SER A 33 -4.68 15.98 -25.49
CA SER A 33 -4.12 16.52 -24.27
C SER A 33 -3.25 17.75 -24.55
N LEU A 34 -2.39 17.65 -25.56
CA LEU A 34 -1.60 18.81 -25.98
C LEU A 34 -2.52 20.00 -26.32
N LYS A 35 -3.65 19.75 -27.01
CA LYS A 35 -4.57 20.82 -27.39
C LYS A 35 -5.28 21.37 -26.16
N ILE A 36 -5.67 20.48 -25.23
CA ILE A 36 -6.33 20.90 -24.01
C ILE A 36 -5.41 21.86 -23.28
N ILE A 37 -4.15 21.46 -23.11
CA ILE A 37 -3.19 22.25 -22.35
C ILE A 37 -2.98 23.63 -22.97
N ASP A 38 -2.90 23.69 -24.31
CA ASP A 38 -2.75 24.96 -25.01
C ASP A 38 -3.94 25.88 -24.76
N THR A 39 -5.13 25.30 -24.57
CA THR A 39 -6.38 26.02 -24.35
C THR A 39 -6.43 26.60 -22.92
N LEU A 40 -5.95 25.84 -21.92
CA LEU A 40 -5.87 26.36 -20.55
C LEU A 40 -4.99 27.60 -20.51
N ILE A 41 -3.85 27.52 -21.20
CA ILE A 41 -2.87 28.60 -21.22
C ILE A 41 -3.47 29.82 -21.91
N ASP A 42 -4.07 29.60 -23.10
CA ASP A 42 -4.61 30.69 -23.90
C ASP A 42 -5.71 31.40 -23.11
N ALA A 43 -6.40 30.65 -22.24
CA ALA A 43 -7.53 31.18 -21.51
C ALA A 43 -7.10 31.94 -20.25
N GLY A 44 -5.88 31.70 -19.77
CA GLY A 44 -5.31 32.56 -18.74
C GLY A 44 -4.75 31.82 -17.53
N ALA A 45 -4.51 30.51 -17.65
CA ALA A 45 -3.82 29.79 -16.59
C ALA A 45 -2.48 30.46 -16.30
N ASP A 46 -2.17 30.67 -15.01
CA ASP A 46 -0.91 31.31 -14.63
C ASP A 46 0.23 30.29 -14.59
N ALA A 47 -0.13 29.06 -14.22
CA ALA A 47 0.80 27.94 -14.13
C ALA A 47 0.03 26.65 -14.42
N LEU A 48 0.75 25.52 -14.55
CA LEU A 48 0.08 24.24 -14.76
C LEU A 48 0.51 23.27 -13.67
N GLU A 49 -0.41 22.36 -13.32
CA GLU A 49 -0.04 21.18 -12.56
C GLU A 49 -0.45 19.97 -13.41
N LEU A 50 0.50 19.06 -13.65
CA LEU A 50 0.30 18.00 -14.63
C LEU A 50 0.60 16.66 -13.98
N GLY A 51 -0.36 15.73 -14.08
CA GLY A 51 -0.20 14.40 -13.53
C GLY A 51 0.37 13.42 -14.55
N VAL A 52 1.15 12.46 -14.06
CA VAL A 52 1.63 11.39 -14.91
C VAL A 52 0.82 10.14 -14.57
N PRO A 53 0.15 9.48 -15.54
CA PRO A 53 -0.62 8.26 -15.28
C PRO A 53 0.19 7.20 -14.54
N PHE A 54 -0.40 6.76 -13.42
CA PHE A 54 0.18 5.77 -12.53
C PHE A 54 -0.88 4.71 -12.25
N SER A 55 -0.41 3.46 -12.10
CA SER A 55 -1.25 2.28 -12.00
C SER A 55 -2.09 2.32 -10.73
N ASP A 56 -1.56 2.94 -9.66
CA ASP A 56 -2.17 2.85 -8.34
C ASP A 56 -2.15 4.22 -7.64
N PRO A 57 -2.98 5.19 -8.08
CA PRO A 57 -2.93 6.56 -7.55
C PRO A 57 -3.70 6.76 -6.25
N LEU A 58 -3.06 6.39 -5.12
CA LEU A 58 -3.78 6.23 -3.86
C LEU A 58 -4.18 7.56 -3.20
N ALA A 59 -3.82 8.70 -3.82
CA ALA A 59 -4.19 9.99 -3.26
C ALA A 59 -5.25 10.68 -4.11
N ASP A 60 -5.69 9.98 -5.17
CA ASP A 60 -6.65 10.55 -6.08
C ASP A 60 -8.05 9.99 -5.81
N GLY A 61 -9.03 10.90 -5.82
CA GLY A 61 -10.44 10.55 -5.88
C GLY A 61 -10.83 10.03 -7.26
N PRO A 62 -12.13 9.75 -7.53
CA PRO A 62 -12.54 8.99 -8.70
C PRO A 62 -12.44 9.80 -10.01
N THR A 63 -12.60 11.12 -9.91
CA THR A 63 -12.46 11.97 -11.08
C THR A 63 -11.10 11.74 -11.72
N ILE A 64 -10.04 11.75 -10.90
CA ILE A 64 -8.68 11.63 -11.43
C ILE A 64 -8.33 10.16 -11.67
N GLN A 65 -8.81 9.24 -10.82
CA GLN A 65 -8.68 7.82 -11.12
C GLN A 65 -9.12 7.55 -12.56
N ASN A 66 -10.26 8.15 -12.96
CA ASN A 66 -10.85 7.94 -14.27
C ASN A 66 -10.02 8.59 -15.37
N ALA A 67 -9.36 9.73 -15.06
CA ALA A 67 -8.47 10.36 -16.03
C ALA A 67 -7.30 9.43 -16.36
N ASN A 68 -6.71 8.79 -15.33
CA ASN A 68 -5.61 7.86 -15.49
C ASN A 68 -5.98 6.68 -16.38
N LEU A 69 -7.18 6.11 -16.14
CA LEU A 69 -7.69 5.02 -16.95
C LEU A 69 -7.78 5.47 -18.41
N ARG A 70 -8.34 6.68 -18.63
CA ARG A 70 -8.49 7.19 -19.99
C ARG A 70 -7.12 7.27 -20.69
N ALA A 71 -6.12 7.84 -19.98
CA ALA A 71 -4.74 7.98 -20.47
C ALA A 71 -4.11 6.62 -20.77
N PHE A 72 -4.23 5.64 -19.85
CA PHE A 72 -3.71 4.30 -20.05
C PHE A 72 -4.40 3.60 -21.24
N ALA A 73 -5.71 3.84 -21.39
CA ALA A 73 -6.46 3.30 -22.51
C ALA A 73 -5.90 3.83 -23.82
N ALA A 74 -5.17 4.96 -23.76
CA ALA A 74 -4.61 5.56 -24.95
C ALA A 74 -3.14 5.17 -25.13
N GLY A 75 -2.61 4.36 -24.19
CA GLY A 75 -1.26 3.81 -24.27
C GLY A 75 -0.19 4.74 -23.66
N VAL A 76 -0.60 5.68 -22.82
CA VAL A 76 0.31 6.74 -22.39
C VAL A 76 1.29 6.22 -21.33
N THR A 77 2.59 6.52 -21.51
CA THR A 77 3.67 6.07 -20.63
C THR A 77 4.42 7.27 -20.06
N PRO A 78 5.17 7.12 -18.95
CA PRO A 78 5.98 8.22 -18.42
C PRO A 78 6.91 8.82 -19.47
N ALA A 79 7.48 7.97 -20.33
CA ALA A 79 8.38 8.44 -21.35
C ALA A 79 7.63 9.38 -22.31
N GLN A 80 6.42 8.97 -22.72
CA GLN A 80 5.64 9.82 -23.61
C GLN A 80 5.29 11.14 -22.91
N CYS A 81 5.12 11.07 -21.58
CA CYS A 81 4.79 12.26 -20.80
C CYS A 81 5.95 13.25 -20.83
N PHE A 82 7.18 12.74 -20.74
CA PHE A 82 8.34 13.62 -20.78
C PHE A 82 8.49 14.22 -22.18
N GLU A 83 8.09 13.48 -23.23
CA GLU A 83 8.13 14.03 -24.57
C GLU A 83 7.16 15.21 -24.65
N MET A 84 5.95 15.00 -24.11
CA MET A 84 4.91 16.02 -24.13
C MET A 84 5.39 17.26 -23.39
N LEU A 85 6.02 17.07 -22.23
CA LEU A 85 6.49 18.17 -21.41
C LEU A 85 7.49 19.04 -22.18
N ALA A 86 8.44 18.40 -22.87
CA ALA A 86 9.40 19.14 -23.69
C ALA A 86 8.66 19.99 -24.71
N LEU A 87 7.60 19.44 -25.34
CA LEU A 87 6.88 20.13 -26.40
C LEU A 87 6.16 21.35 -25.83
N ILE A 88 5.55 21.19 -24.66
CA ILE A 88 4.78 22.21 -23.98
C ILE A 88 5.70 23.38 -23.63
N ARG A 89 6.85 23.07 -23.02
CA ARG A 89 7.81 24.09 -22.64
C ARG A 89 8.36 24.83 -23.86
N GLU A 90 8.59 24.10 -24.97
CA GLU A 90 9.11 24.70 -26.19
C GLU A 90 8.13 25.72 -26.73
N LYS A 91 6.83 25.54 -26.44
CA LYS A 91 5.81 26.43 -26.96
C LYS A 91 5.59 27.61 -26.03
N HIS A 92 5.88 27.42 -24.74
CA HIS A 92 5.43 28.30 -23.69
C HIS A 92 6.61 28.51 -22.75
N PRO A 93 7.49 29.50 -23.01
CA PRO A 93 8.70 29.66 -22.22
C PRO A 93 8.60 30.07 -20.75
N THR A 94 7.52 30.76 -20.34
CA THR A 94 7.54 31.37 -19.01
C THR A 94 6.58 30.72 -18.01
N ILE A 95 5.52 30.05 -18.50
CA ILE A 95 4.53 29.47 -17.60
C ILE A 95 5.17 28.43 -16.70
N PRO A 96 5.03 28.51 -15.35
CA PRO A 96 5.52 27.45 -14.47
C PRO A 96 4.79 26.14 -14.72
N ILE A 97 5.57 25.05 -14.77
CA ILE A 97 5.00 23.73 -14.98
C ILE A 97 5.38 22.87 -13.79
N GLY A 98 4.37 22.39 -13.06
CA GLY A 98 4.60 21.51 -11.92
C GLY A 98 4.05 20.13 -12.25
N LEU A 99 4.75 19.10 -11.80
CA LEU A 99 4.22 17.74 -11.91
C LEU A 99 3.68 17.29 -10.57
N LEU A 100 2.59 16.53 -10.66
CA LEU A 100 2.10 15.76 -9.52
C LEU A 100 2.44 14.30 -9.80
N MET A 101 3.32 13.75 -8.97
CA MET A 101 3.89 12.42 -9.17
C MET A 101 3.55 11.52 -7.98
N TYR A 102 3.54 10.22 -8.27
CA TYR A 102 3.65 9.17 -7.27
C TYR A 102 5.10 8.74 -7.09
N ALA A 103 5.44 8.37 -5.85
CA ALA A 103 6.81 8.09 -5.46
C ALA A 103 7.47 7.03 -6.33
N ASN A 104 6.73 5.96 -6.69
CA ASN A 104 7.44 4.91 -7.41
C ASN A 104 7.93 5.37 -8.79
N LEU A 105 7.20 6.28 -9.46
CA LEU A 105 7.66 6.73 -10.78
C LEU A 105 8.89 7.63 -10.67
N VAL A 106 9.08 8.25 -9.49
CA VAL A 106 10.27 9.08 -9.28
C VAL A 106 11.45 8.19 -8.90
N PHE A 107 11.20 7.19 -8.04
CA PHE A 107 12.26 6.32 -7.55
C PHE A 107 12.69 5.29 -8.62
N ASN A 108 11.80 4.97 -9.57
CA ASN A 108 11.94 3.83 -10.48
C ASN A 108 13.32 3.71 -11.10
N ASN A 109 13.75 4.76 -11.80
CA ASN A 109 14.99 4.65 -12.55
C ASN A 109 16.08 5.44 -11.81
N GLY A 110 15.87 5.68 -10.51
CA GLY A 110 16.79 6.48 -9.71
C GLY A 110 16.24 7.89 -9.51
N ILE A 111 16.24 8.35 -8.24
CA ILE A 111 15.67 9.66 -7.91
C ILE A 111 16.42 10.79 -8.63
N ASP A 112 17.76 10.78 -8.55
CA ASP A 112 18.52 11.80 -9.26
C ASP A 112 18.17 11.86 -10.74
N ALA A 113 18.12 10.71 -11.40
CA ALA A 113 17.90 10.69 -12.84
C ALA A 113 16.53 11.25 -13.19
N PHE A 114 15.52 11.01 -12.34
CA PHE A 114 14.18 11.54 -12.56
C PHE A 114 14.23 13.07 -12.57
N TYR A 115 14.84 13.66 -11.54
CA TYR A 115 14.88 15.12 -11.45
C TYR A 115 15.76 15.70 -12.56
N ALA A 116 16.81 14.98 -12.97
CA ALA A 116 17.61 15.46 -14.09
C ALA A 116 16.77 15.55 -15.38
N ARG A 117 15.90 14.58 -15.60
CA ARG A 117 15.05 14.59 -16.78
C ARG A 117 14.03 15.73 -16.70
N CYS A 118 13.48 15.99 -15.50
CA CYS A 118 12.57 17.12 -15.29
C CYS A 118 13.27 18.40 -15.69
N GLU A 119 14.53 18.54 -15.26
CA GLU A 119 15.27 19.76 -15.57
C GLU A 119 15.48 19.90 -17.08
N GLN A 120 15.78 18.78 -17.76
N GLN A 120 15.84 18.80 -17.75
CA GLN A 120 16.12 18.82 -19.18
CA GLN A 120 16.11 18.82 -19.19
C GLN A 120 14.91 19.19 -20.04
C GLN A 120 14.90 19.33 -19.97
N VAL A 121 13.71 18.87 -19.57
CA VAL A 121 12.50 19.21 -20.34
C VAL A 121 11.89 20.54 -19.87
N GLY A 122 12.46 21.14 -18.82
CA GLY A 122 12.01 22.46 -18.36
C GLY A 122 10.82 22.49 -17.40
N VAL A 123 10.65 21.42 -16.59
CA VAL A 123 9.69 21.41 -15.49
C VAL A 123 10.22 22.30 -14.37
N ASP A 124 9.31 22.91 -13.58
CA ASP A 124 9.70 23.82 -12.50
C ASP A 124 9.56 23.23 -11.11
N SER A 125 8.57 22.33 -10.94
CA SER A 125 8.32 21.80 -9.61
C SER A 125 7.80 20.37 -9.68
N VAL A 126 7.98 19.66 -8.57
CA VAL A 126 7.45 18.31 -8.41
C VAL A 126 6.86 18.17 -7.02
N LEU A 127 5.58 17.77 -6.98
CA LEU A 127 4.88 17.35 -5.78
C LEU A 127 4.79 15.83 -5.82
N VAL A 128 5.37 15.16 -4.83
CA VAL A 128 5.25 13.70 -4.78
C VAL A 128 4.16 13.37 -3.75
N ALA A 129 3.02 12.87 -4.23
CA ALA A 129 1.78 12.82 -3.47
C ALA A 129 1.92 11.95 -2.21
N ASP A 130 2.75 10.89 -2.26
CA ASP A 130 2.84 9.93 -1.17
C ASP A 130 4.20 9.97 -0.48
N VAL A 131 4.86 11.14 -0.51
CA VAL A 131 6.08 11.34 0.24
C VAL A 131 5.82 12.47 1.25
N PRO A 132 5.64 12.17 2.54
CA PRO A 132 5.47 13.22 3.54
C PRO A 132 6.82 13.88 3.87
N VAL A 133 6.78 15.04 4.53
CA VAL A 133 8.04 15.74 4.81
C VAL A 133 9.03 14.83 5.53
N GLU A 134 8.51 13.96 6.40
CA GLU A 134 9.31 13.02 7.16
C GLU A 134 10.17 12.09 6.27
N GLU A 135 9.70 11.81 5.05
CA GLU A 135 10.42 10.89 4.18
C GLU A 135 11.07 11.63 3.01
N SER A 136 11.05 12.97 3.06
CA SER A 136 11.28 13.73 1.83
C SER A 136 12.75 14.00 1.49
N ALA A 137 13.67 13.75 2.42
CA ALA A 137 15.03 14.26 2.24
C ALA A 137 15.63 13.92 0.88
N PRO A 138 15.68 12.66 0.40
CA PRO A 138 16.33 12.41 -0.90
C PRO A 138 15.63 13.05 -2.09
N PHE A 139 14.31 13.24 -1.97
CA PHE A 139 13.54 13.88 -3.02
C PHE A 139 13.82 15.37 -3.06
N ARG A 140 13.80 16.02 -1.88
CA ARG A 140 14.03 17.46 -1.85
C ARG A 140 15.45 17.74 -2.34
N GLN A 141 16.42 16.96 -1.86
CA GLN A 141 17.81 17.15 -2.25
C GLN A 141 18.01 17.03 -3.76
N ALA A 142 17.44 15.97 -4.36
CA ALA A 142 17.60 15.77 -5.79
C ALA A 142 16.89 16.87 -6.58
N ALA A 143 15.71 17.27 -6.09
CA ALA A 143 15.00 18.37 -6.76
C ALA A 143 15.90 19.61 -6.80
N LEU A 144 16.42 20.00 -5.65
CA LEU A 144 17.14 21.29 -5.60
C LEU A 144 18.44 21.21 -6.40
N ARG A 145 19.08 20.02 -6.43
CA ARG A 145 20.31 19.86 -7.23
C ARG A 145 20.04 20.10 -8.71
N HIS A 146 18.80 19.90 -9.16
CA HIS A 146 18.43 20.00 -10.57
C HIS A 146 17.52 21.21 -10.81
N ASN A 147 17.49 22.18 -9.90
CA ASN A 147 16.78 23.44 -10.11
C ASN A 147 15.27 23.21 -10.19
N ILE A 148 14.79 22.22 -9.43
CA ILE A 148 13.38 21.90 -9.37
C ILE A 148 12.90 22.23 -7.95
N ALA A 149 11.74 22.88 -7.85
CA ALA A 149 11.12 23.21 -6.57
C ALA A 149 10.41 21.97 -6.05
N PRO A 150 10.75 21.50 -4.83
CA PRO A 150 9.95 20.47 -4.18
C PRO A 150 8.73 21.11 -3.51
N ILE A 151 7.54 20.63 -3.89
CA ILE A 151 6.28 21.17 -3.39
C ILE A 151 5.76 20.24 -2.28
N PHE A 152 5.32 20.84 -1.18
CA PHE A 152 4.76 20.10 -0.08
C PHE A 152 3.33 20.53 0.19
N ILE A 153 2.52 19.56 0.65
CA ILE A 153 1.16 19.84 1.07
C ILE A 153 1.14 20.21 2.54
N CYS A 154 0.45 21.31 2.83
CA CYS A 154 0.15 21.70 4.20
C CYS A 154 -1.30 21.32 4.45
N PRO A 155 -1.57 20.23 5.20
CA PRO A 155 -2.93 19.70 5.32
C PRO A 155 -3.76 20.52 6.32
N PRO A 156 -5.09 20.29 6.40
CA PRO A 156 -5.92 20.91 7.44
C PRO A 156 -5.47 20.57 8.85
N ASN A 157 -5.02 19.33 9.06
CA ASN A 157 -4.60 18.83 10.37
C ASN A 157 -3.12 19.15 10.64
N ALA A 158 -2.59 20.26 10.11
CA ALA A 158 -1.19 20.63 10.32
C ALA A 158 -0.98 21.20 11.72
N ASP A 159 0.13 20.83 12.38
CA ASP A 159 0.56 21.43 13.63
C ASP A 159 1.75 22.34 13.36
N ASP A 160 2.33 22.93 14.43
CA ASP A 160 3.33 23.99 14.33
C ASP A 160 4.66 23.48 13.76
N ASP A 161 5.11 22.31 14.25
CA ASP A 161 6.33 21.68 13.78
C ASP A 161 6.24 21.40 12.28
N LEU A 162 5.07 20.95 11.82
CA LEU A 162 4.86 20.70 10.41
C LEU A 162 4.98 22.01 9.63
N LEU A 163 4.40 23.08 10.18
CA LEU A 163 4.43 24.37 9.49
C LEU A 163 5.87 24.83 9.29
N ARG A 164 6.71 24.66 10.32
CA ARG A 164 8.11 25.05 10.24
C ARG A 164 8.85 24.20 9.20
N GLN A 165 8.51 22.90 9.14
CA GLN A 165 9.18 22.01 8.20
C GLN A 165 8.80 22.33 6.76
N VAL A 166 7.49 22.49 6.51
CA VAL A 166 7.00 22.81 5.18
C VAL A 166 7.61 24.14 4.76
N ALA A 167 7.63 25.10 5.69
CA ALA A 167 8.19 26.42 5.40
C ALA A 167 9.65 26.31 4.96
N SER A 168 10.42 25.50 5.68
CA SER A 168 11.84 25.35 5.46
C SER A 168 12.15 24.54 4.20
N TYR A 169 11.33 23.53 3.89
CA TYR A 169 11.68 22.50 2.92
C TYR A 169 11.11 22.79 1.52
N GLY A 170 9.95 23.44 1.48
CA GLY A 170 9.27 23.69 0.21
C GLY A 170 9.88 24.86 -0.56
N ARG A 171 9.65 24.87 -1.88
CA ARG A 171 10.00 26.00 -2.72
C ARG A 171 8.92 26.16 -3.79
N GLY A 172 8.92 27.32 -4.46
CA GLY A 172 7.99 27.53 -5.55
C GLY A 172 6.64 28.00 -5.01
N TYR A 173 5.86 27.04 -4.48
CA TYR A 173 4.70 27.37 -3.67
C TYR A 173 4.42 26.28 -2.64
N THR A 174 3.60 26.65 -1.66
CA THR A 174 3.10 25.72 -0.67
C THR A 174 1.70 25.30 -1.09
N TYR A 175 1.47 23.98 -1.18
CA TYR A 175 0.15 23.49 -1.54
C TYR A 175 -0.71 23.43 -0.29
N LEU A 176 -1.68 24.34 -0.15
CA LEU A 176 -2.61 24.35 0.98
C LEU A 176 -3.77 23.40 0.70
N LEU A 177 -3.92 22.38 1.54
CA LEU A 177 -4.96 21.38 1.38
C LEU A 177 -6.23 21.84 2.11
N LEU A 191 -6.68 24.31 13.03
CA LEU A 191 -6.16 25.69 12.81
C LEU A 191 -7.05 26.42 11.82
N PRO A 192 -7.54 27.65 12.14
CA PRO A 192 -8.28 28.47 11.18
C PRO A 192 -7.43 28.81 9.95
N LEU A 193 -8.10 29.16 8.85
CA LEU A 193 -7.46 29.34 7.55
C LEU A 193 -6.51 30.54 7.58
N HIS A 194 -6.84 31.53 8.41
CA HIS A 194 -6.01 32.70 8.67
C HIS A 194 -4.69 32.30 9.35
N HIS A 195 -4.82 31.43 10.36
CA HIS A 195 -3.70 30.98 11.19
C HIS A 195 -2.61 30.37 10.31
N LEU A 196 -2.99 29.43 9.45
CA LEU A 196 -2.03 28.73 8.61
C LEU A 196 -1.30 29.74 7.71
N ILE A 197 -2.07 30.60 7.04
CA ILE A 197 -1.50 31.48 6.03
C ILE A 197 -0.48 32.42 6.69
N GLU A 198 -0.84 32.96 7.87
CA GLU A 198 -0.02 33.92 8.61
C GLU A 198 1.26 33.28 9.11
N LYS A 199 1.15 32.09 9.71
CA LYS A 199 2.30 31.34 10.22
C LYS A 199 3.24 31.00 9.07
N LEU A 200 2.69 30.59 7.92
CA LEU A 200 3.54 30.21 6.79
C LEU A 200 4.37 31.41 6.35
N LYS A 201 3.74 32.58 6.30
CA LYS A 201 4.42 33.82 5.96
C LYS A 201 5.46 34.16 7.04
N GLU A 202 5.07 33.95 8.31
CA GLU A 202 5.97 34.18 9.42
C GLU A 202 7.25 33.36 9.26
N TYR A 203 7.11 32.11 8.81
CA TYR A 203 8.21 31.16 8.70
C TYR A 203 8.87 31.24 7.32
N HIS A 204 8.54 32.30 6.57
CA HIS A 204 9.08 32.58 5.24
C HIS A 204 8.87 31.42 4.27
N ALA A 205 7.68 30.81 4.28
CA ALA A 205 7.36 29.71 3.39
C ALA A 205 7.20 30.22 1.96
N ALA A 206 7.32 29.33 0.97
CA ALA A 206 6.97 29.64 -0.40
C ALA A 206 5.52 30.12 -0.42
N PRO A 207 5.12 31.02 -1.36
CA PRO A 207 3.76 31.55 -1.39
C PRO A 207 2.72 30.44 -1.44
N ALA A 208 1.62 30.61 -0.67
CA ALA A 208 0.64 29.55 -0.57
C ALA A 208 -0.39 29.62 -1.69
N LEU A 209 -0.70 28.45 -2.26
CA LEU A 209 -1.83 28.30 -3.18
C LEU A 209 -2.86 27.40 -2.51
N GLN A 210 -4.11 27.87 -2.47
CA GLN A 210 -5.21 27.07 -1.92
C GLN A 210 -5.66 26.06 -2.97
N GLY A 211 -5.69 24.79 -2.56
CA GLY A 211 -5.94 23.69 -3.47
C GLY A 211 -7.19 22.90 -3.10
N PHE A 212 -7.86 23.34 -2.02
CA PHE A 212 -8.95 22.59 -1.40
C PHE A 212 -10.26 22.93 -2.11
N GLY A 213 -10.67 22.03 -3.02
CA GLY A 213 -11.98 22.00 -3.63
C GLY A 213 -12.35 23.27 -4.41
N ILE A 214 -11.38 23.83 -5.14
CA ILE A 214 -11.58 25.06 -5.89
C ILE A 214 -12.31 24.73 -7.19
N SER A 215 -13.59 25.09 -7.29
CA SER A 215 -14.39 24.76 -8.47
C SER A 215 -15.24 25.94 -8.97
N SER A 216 -15.12 27.10 -8.31
CA SER A 216 -15.94 28.27 -8.63
C SER A 216 -15.13 29.55 -8.54
N PRO A 217 -15.47 30.58 -9.34
CA PRO A 217 -14.76 31.86 -9.26
C PRO A 217 -14.66 32.44 -7.85
N GLU A 218 -15.74 32.30 -7.09
CA GLU A 218 -15.84 32.89 -5.76
C GLU A 218 -14.80 32.28 -4.82
N GLN A 219 -14.44 31.02 -5.07
CA GLN A 219 -13.45 30.35 -4.25
C GLN A 219 -12.05 30.93 -4.48
N VAL A 220 -11.79 31.32 -5.74
CA VAL A 220 -10.53 31.93 -6.17
C VAL A 220 -10.35 33.28 -5.46
N SER A 221 -11.40 34.12 -5.52
CA SER A 221 -11.33 35.43 -4.87
C SER A 221 -11.21 35.26 -3.35
N ALA A 222 -11.91 34.27 -2.81
CA ALA A 222 -11.88 33.99 -1.38
C ALA A 222 -10.46 33.63 -0.93
N ALA A 223 -9.77 32.82 -1.74
CA ALA A 223 -8.45 32.34 -1.35
C ALA A 223 -7.49 33.53 -1.23
N VAL A 224 -7.58 34.44 -2.21
CA VAL A 224 -6.72 35.62 -2.33
C VAL A 224 -6.99 36.58 -1.17
N ARG A 225 -8.27 36.74 -0.79
CA ARG A 225 -8.68 37.59 0.32
C ARG A 225 -8.16 37.04 1.65
N ALA A 226 -8.02 35.71 1.75
CA ALA A 226 -7.53 35.08 2.98
C ALA A 226 -6.03 35.31 3.15
N GLY A 227 -5.38 35.79 2.09
CA GLY A 227 -3.94 36.05 2.12
C GLY A 227 -3.12 34.99 1.37
N ALA A 228 -3.78 34.11 0.62
CA ALA A 228 -3.08 33.17 -0.25
C ALA A 228 -2.67 33.89 -1.54
N ALA A 229 -1.67 33.32 -2.24
CA ALA A 229 -1.15 33.92 -3.46
C ALA A 229 -1.95 33.47 -4.67
N GLY A 230 -2.93 32.60 -4.45
CA GLY A 230 -3.72 32.14 -5.60
C GLY A 230 -4.37 30.81 -5.30
N ALA A 231 -4.88 30.14 -6.35
CA ALA A 231 -5.65 28.92 -6.12
C ALA A 231 -5.36 27.88 -7.20
N ILE A 232 -5.45 26.60 -6.80
CA ILE A 232 -5.29 25.45 -7.71
C ILE A 232 -6.61 24.71 -7.83
N SER A 233 -7.02 24.45 -9.07
CA SER A 233 -8.25 23.71 -9.32
C SER A 233 -7.85 22.28 -9.57
N GLY A 234 -8.01 21.46 -8.52
CA GLY A 234 -7.48 20.11 -8.43
C GLY A 234 -8.23 19.07 -9.25
N SER A 235 -9.52 19.31 -9.58
CA SER A 235 -10.28 18.32 -10.35
C SER A 235 -11.33 18.94 -11.31
N ALA A 236 -11.63 20.23 -11.17
CA ALA A 236 -12.73 20.83 -11.94
C ALA A 236 -12.50 20.77 -13.44
N ILE A 237 -11.23 20.89 -13.86
CA ILE A 237 -10.88 20.88 -15.26
C ILE A 237 -11.14 19.46 -15.80
N VAL A 238 -10.79 18.46 -14.99
CA VAL A 238 -10.86 17.07 -15.44
C VAL A 238 -12.32 16.64 -15.59
N LYS A 239 -13.18 17.17 -14.72
CA LYS A 239 -14.62 16.97 -14.82
C LYS A 239 -15.12 17.46 -16.19
N ILE A 240 -14.62 18.62 -16.65
CA ILE A 240 -15.01 19.21 -17.93
C ILE A 240 -14.58 18.29 -19.06
N ILE A 241 -13.38 17.70 -18.94
CA ILE A 241 -12.91 16.73 -19.93
C ILE A 241 -13.88 15.55 -19.97
N GLU A 242 -14.14 15.00 -18.77
CA GLU A 242 -14.96 13.80 -18.63
C GLU A 242 -16.31 14.00 -19.32
N LYS A 243 -16.88 15.20 -19.18
CA LYS A 243 -18.26 15.48 -19.57
C LYS A 243 -18.43 15.62 -21.09
N ASN A 244 -17.36 16.02 -21.78
CA ASN A 244 -17.46 16.43 -23.18
C ASN A 244 -16.64 15.49 -24.07
N LEU A 245 -16.44 14.25 -23.61
CA LEU A 245 -15.58 13.31 -24.32
C LEU A 245 -16.00 13.19 -25.78
N ALA A 246 -17.32 13.18 -26.02
CA ALA A 246 -17.91 12.93 -27.33
C ALA A 246 -17.81 14.16 -28.24
N SER A 247 -17.49 15.32 -27.67
CA SER A 247 -17.41 16.54 -28.49
C SER A 247 -16.10 17.27 -28.21
N PRO A 248 -15.00 16.93 -28.92
CA PRO A 248 -13.72 17.59 -28.71
C PRO A 248 -13.85 19.11 -28.75
N LYS A 249 -14.72 19.60 -29.65
CA LYS A 249 -14.90 21.01 -29.92
C LYS A 249 -15.55 21.72 -28.72
N GLN A 250 -16.65 21.13 -28.21
CA GLN A 250 -17.35 21.67 -27.05
C GLN A 250 -16.44 21.62 -25.82
N MET A 251 -15.66 20.54 -25.72
CA MET A 251 -14.74 20.39 -24.59
C MET A 251 -13.82 21.61 -24.49
N LEU A 252 -13.21 21.98 -25.62
CA LEU A 252 -12.28 23.11 -25.62
C LEU A 252 -13.02 24.41 -25.28
N ALA A 253 -14.21 24.58 -25.86
CA ALA A 253 -15.05 25.74 -25.58
C ALA A 253 -15.33 25.87 -24.09
N GLU A 254 -15.76 24.75 -23.46
CA GLU A 254 -16.11 24.77 -22.04
C GLU A 254 -14.86 25.03 -21.18
N LEU A 255 -13.75 24.41 -21.58
CA LEU A 255 -12.48 24.61 -20.88
C LEU A 255 -12.11 26.09 -20.85
N ARG A 256 -12.18 26.73 -22.03
CA ARG A 256 -11.85 28.14 -22.19
C ARG A 256 -12.70 28.98 -21.25
N SER A 257 -14.03 28.78 -21.35
CA SER A 257 -14.99 29.55 -20.57
C SER A 257 -14.71 29.45 -19.07
N PHE A 258 -14.44 28.22 -18.62
CA PHE A 258 -14.17 27.97 -17.22
C PHE A 258 -12.90 28.70 -16.75
N VAL A 259 -11.81 28.53 -17.52
CA VAL A 259 -10.53 29.09 -17.11
C VAL A 259 -10.61 30.62 -17.16
N SER A 260 -11.33 31.17 -18.14
CA SER A 260 -11.50 32.61 -18.20
C SER A 260 -12.12 33.15 -16.91
N ALA A 261 -13.20 32.49 -16.47
CA ALA A 261 -13.96 32.91 -15.30
C ALA A 261 -13.09 32.85 -14.04
N MET A 262 -12.38 31.72 -13.89
CA MET A 262 -11.57 31.47 -12.72
C MET A 262 -10.45 32.50 -12.66
N LYS A 263 -9.82 32.72 -13.81
CA LYS A 263 -8.78 33.73 -13.88
C LYS A 263 -9.34 35.13 -13.58
N ALA A 264 -10.50 35.50 -14.15
CA ALA A 264 -11.01 36.85 -13.92
C ALA A 264 -11.18 37.13 -12.42
N ALA A 265 -11.54 36.09 -11.67
CA ALA A 265 -11.85 36.16 -10.24
C ALA A 265 -10.59 36.45 -9.42
N SER A 266 -9.42 36.28 -10.04
CA SER A 266 -8.15 36.43 -9.34
C SER A 266 -7.63 37.86 -9.41
N ARG A 267 -8.11 38.63 -10.40
CA ARG A 267 -7.68 40.00 -10.62
C ARG A 267 -8.42 40.86 -9.61
N ALA A 268 -9.67 40.47 -9.41
CA ALA A 268 -10.62 41.02 -8.46
C ALA A 268 -11.48 39.85 -7.96
N THR B 2 8.89 12.42 13.12
CA THR B 2 9.36 11.94 14.45
C THR B 2 8.49 10.76 14.85
N THR B 3 9.13 9.67 15.27
CA THR B 3 8.38 8.50 15.74
C THR B 3 9.02 7.97 17.01
N LEU B 4 8.26 7.15 17.73
CA LEU B 4 8.73 6.51 18.95
C LEU B 4 9.59 5.29 18.64
N LEU B 5 9.25 4.61 17.53
CA LEU B 5 9.91 3.38 17.15
C LEU B 5 10.53 3.57 15.76
N ASN B 6 11.52 2.73 15.42
CA ASN B 6 12.17 2.80 14.12
C ASN B 6 11.22 2.35 13.00
N PRO B 7 10.87 3.19 11.99
CA PRO B 7 9.97 2.78 10.91
C PRO B 7 10.62 1.89 9.85
N TYR B 8 11.94 1.71 9.95
CA TYR B 8 12.70 0.97 8.94
C TYR B 8 13.31 -0.32 9.48
N PHE B 9 13.43 -1.29 8.56
CA PHE B 9 14.21 -2.51 8.74
C PHE B 9 15.33 -2.43 7.71
N GLY B 10 16.48 -1.90 8.14
CA GLY B 10 17.51 -1.54 7.18
C GLY B 10 16.96 -0.48 6.24
N GLU B 11 17.02 -0.71 4.92
N GLU B 11 17.07 -0.75 4.91
CA GLU B 11 16.54 0.31 4.00
CA GLU B 11 16.62 0.12 3.81
C GLU B 11 15.02 0.21 3.76
C GLU B 11 15.12 0.03 3.55
N PHE B 12 14.43 -0.90 4.22
CA PHE B 12 13.06 -1.23 3.85
C PHE B 12 12.05 -0.71 4.88
N GLY B 13 10.88 -0.28 4.40
CA GLY B 13 9.80 0.14 5.30
C GLY B 13 9.44 1.61 5.10
N GLY B 14 9.38 2.35 6.22
CA GLY B 14 9.04 3.77 6.14
C GLY B 14 7.55 4.04 6.21
N MET B 15 7.18 5.30 5.94
CA MET B 15 5.83 5.84 6.02
C MET B 15 5.52 6.68 4.76
N TYR B 16 5.36 6.02 3.61
CA TYR B 16 5.21 6.72 2.33
C TYR B 16 3.73 6.94 2.06
N VAL B 17 3.13 7.82 2.88
CA VAL B 17 1.72 8.19 2.76
C VAL B 17 1.62 9.69 2.54
N PRO B 18 0.51 10.18 1.94
CA PRO B 18 0.23 11.61 1.88
C PRO B 18 0.32 12.21 3.29
N GLN B 19 0.78 13.47 3.37
CA GLN B 19 0.95 14.15 4.63
C GLN B 19 -0.29 14.01 5.52
N ILE B 20 -1.50 14.07 4.90
CA ILE B 20 -2.76 14.05 5.65
C ILE B 20 -2.89 12.82 6.55
N LEU B 21 -2.25 11.70 6.17
CA LEU B 21 -2.38 10.46 6.93
C LEU B 21 -1.34 10.34 8.04
N MET B 22 -0.32 11.22 8.09
CA MET B 22 0.72 11.01 9.09
C MET B 22 0.19 11.09 10.53
N PRO B 23 -0.69 12.05 10.91
CA PRO B 23 -1.21 12.04 12.28
C PRO B 23 -1.89 10.72 12.66
N ALA B 24 -2.59 10.12 11.69
CA ALA B 24 -3.25 8.85 11.95
C ALA B 24 -2.21 7.78 12.31
N LEU B 25 -1.10 7.73 11.56
CA LEU B 25 -0.09 6.71 11.82
C LEU B 25 0.60 7.01 13.15
N ASN B 26 0.88 8.30 13.42
CA ASN B 26 1.54 8.66 14.67
C ASN B 26 0.66 8.33 15.88
N GLN B 27 -0.65 8.58 15.78
CA GLN B 27 -1.60 8.27 16.85
C GLN B 27 -1.59 6.76 17.11
N LEU B 28 -1.62 5.97 16.02
CA LEU B 28 -1.65 4.52 16.15
C LEU B 28 -0.37 4.02 16.82
N GLU B 29 0.79 4.57 16.42
CA GLU B 29 2.04 4.14 17.03
C GLU B 29 2.02 4.40 18.53
N GLU B 30 1.59 5.60 18.92
CA GLU B 30 1.62 5.96 20.33
C GLU B 30 0.73 5.00 21.11
N ALA B 31 -0.45 4.71 20.54
CA ALA B 31 -1.42 3.87 21.26
C ALA B 31 -0.86 2.45 21.39
N PHE B 32 -0.21 1.96 20.34
CA PHE B 32 0.45 0.66 20.37
C PHE B 32 1.53 0.60 21.46
N VAL B 33 2.41 1.61 21.51
CA VAL B 33 3.49 1.61 22.49
C VAL B 33 2.91 1.62 23.91
N SER B 34 1.85 2.41 24.10
CA SER B 34 1.17 2.47 25.39
C SER B 34 0.57 1.11 25.74
N ALA B 35 -0.12 0.53 24.77
CA ALA B 35 -0.81 -0.74 25.00
C ALA B 35 0.18 -1.86 25.37
N GLN B 36 1.37 -1.84 24.76
CA GLN B 36 2.36 -2.88 24.97
C GLN B 36 2.87 -2.88 26.41
N LYS B 37 2.84 -1.70 27.08
CA LYS B 37 3.32 -1.59 28.45
C LYS B 37 2.17 -1.73 29.47
N ASP B 38 0.94 -1.98 29.01
CA ASP B 38 -0.25 -1.92 29.84
C ASP B 38 -0.75 -3.32 30.20
N PRO B 39 -0.58 -3.78 31.45
CA PRO B 39 -0.91 -5.17 31.79
C PRO B 39 -2.38 -5.48 31.54
N GLU B 40 -3.22 -4.45 31.66
CA GLU B 40 -4.67 -4.59 31.51
C GLU B 40 -5.01 -4.87 30.04
N PHE B 41 -4.31 -4.18 29.12
CA PHE B 41 -4.52 -4.43 27.70
C PHE B 41 -4.07 -5.86 27.37
N GLN B 42 -2.89 -6.24 27.87
CA GLN B 42 -2.32 -7.53 27.53
C GLN B 42 -3.26 -8.63 28.05
N ALA B 43 -3.84 -8.43 29.23
CA ALA B 43 -4.72 -9.42 29.85
C ALA B 43 -6.00 -9.58 29.02
N GLN B 44 -6.55 -8.45 28.54
CA GLN B 44 -7.74 -8.48 27.70
C GLN B 44 -7.42 -9.25 26.41
N PHE B 45 -6.27 -8.95 25.79
CA PHE B 45 -5.89 -9.59 24.55
C PHE B 45 -5.71 -11.09 24.79
N ALA B 46 -4.99 -11.46 25.84
CA ALA B 46 -4.79 -12.88 26.21
C ALA B 46 -6.13 -13.60 26.39
N ASP B 47 -7.10 -12.92 27.03
CA ASP B 47 -8.43 -13.49 27.32
C ASP B 47 -9.12 -13.80 26.00
N LEU B 48 -9.11 -12.83 25.06
CA LEU B 48 -9.80 -13.09 23.80
C LEU B 48 -9.10 -14.23 23.04
N LEU B 49 -7.76 -14.22 23.02
CA LEU B 49 -7.04 -15.25 22.30
C LEU B 49 -7.37 -16.64 22.83
N LYS B 50 -7.40 -16.78 24.17
CA LYS B 50 -7.67 -18.07 24.80
C LYS B 50 -9.15 -18.45 24.62
N ASN B 51 -10.05 -17.62 25.15
CA ASN B 51 -11.42 -18.07 25.42
C ASN B 51 -12.32 -17.85 24.22
N TYR B 52 -11.90 -16.99 23.30
CA TYR B 52 -12.70 -16.74 22.10
C TYR B 52 -12.11 -17.41 20.87
N ALA B 53 -10.79 -17.27 20.67
CA ALA B 53 -10.16 -17.80 19.48
C ALA B 53 -9.65 -19.24 19.62
N GLY B 54 -9.35 -19.65 20.87
CA GLY B 54 -8.99 -21.04 21.12
C GLY B 54 -7.49 -21.34 21.31
N ARG B 55 -6.68 -20.28 21.57
CA ARG B 55 -5.24 -20.47 21.75
C ARG B 55 -4.98 -21.14 23.11
N PRO B 56 -3.90 -21.94 23.29
CA PRO B 56 -2.90 -22.19 22.24
C PRO B 56 -3.44 -23.19 21.21
N THR B 57 -2.86 -23.06 20.00
CA THR B 57 -3.15 -23.98 18.91
C THR B 57 -2.21 -25.19 19.00
N ALA B 58 -2.71 -26.32 18.48
CA ALA B 58 -1.91 -27.55 18.57
C ALA B 58 -0.62 -27.46 17.75
N LEU B 59 0.33 -28.34 18.10
CA LEU B 59 1.49 -28.62 17.27
C LEU B 59 1.44 -30.11 16.94
N THR B 60 1.15 -30.41 15.68
CA THR B 60 0.88 -31.81 15.32
C THR B 60 2.10 -32.46 14.68
N LYS B 61 2.52 -33.62 15.19
CA LYS B 61 3.58 -34.37 14.53
C LYS B 61 2.99 -35.18 13.36
N CYS B 62 3.54 -35.04 12.16
CA CYS B 62 3.07 -35.67 10.94
C CYS B 62 3.95 -36.87 10.62
N GLN B 63 3.54 -38.04 11.06
CA GLN B 63 4.40 -39.21 10.92
C GLN B 63 4.25 -39.90 9.56
N ASN B 64 3.03 -40.00 9.04
CA ASN B 64 2.85 -40.73 7.80
C ASN B 64 3.64 -40.09 6.65
N ILE B 65 3.68 -38.76 6.63
CA ILE B 65 4.13 -38.11 5.43
C ILE B 65 5.66 -38.17 5.32
N THR B 66 6.36 -38.44 6.43
CA THR B 66 7.82 -38.47 6.46
C THR B 66 8.38 -39.89 6.60
N ALA B 67 7.49 -40.88 6.50
CA ALA B 67 7.91 -42.26 6.75
C ALA B 67 9.04 -42.63 5.80
N GLY B 68 10.08 -43.25 6.37
CA GLY B 68 11.21 -43.77 5.59
C GLY B 68 12.30 -42.73 5.30
N THR B 69 12.16 -41.55 5.92
CA THR B 69 13.15 -40.49 5.78
C THR B 69 13.63 -40.08 7.17
N ARG B 70 14.65 -39.22 7.23
N ARG B 70 14.64 -39.21 7.20
CA ARG B 70 15.14 -38.75 8.52
CA ARG B 70 15.18 -38.73 8.46
C ARG B 70 14.62 -37.33 8.81
C ARG B 70 14.63 -37.34 8.80
N THR B 71 13.53 -36.95 8.16
CA THR B 71 12.79 -35.72 8.51
C THR B 71 11.75 -36.02 9.60
N THR B 72 11.71 -35.19 10.65
CA THR B 72 10.60 -35.11 11.57
C THR B 72 9.87 -33.79 11.30
N LEU B 73 8.57 -33.84 11.01
CA LEU B 73 7.77 -32.68 10.59
C LEU B 73 6.64 -32.42 11.56
N TYR B 74 6.57 -31.20 12.12
CA TYR B 74 5.45 -30.76 12.92
C TYR B 74 4.71 -29.67 12.13
N LEU B 75 3.38 -29.62 12.30
CA LEU B 75 2.59 -28.54 11.76
C LEU B 75 2.03 -27.72 12.91
N LYS B 76 2.29 -26.39 12.90
CA LYS B 76 1.63 -25.47 13.80
C LYS B 76 0.21 -25.14 13.32
N ARG B 77 -0.80 -25.49 14.16
CA ARG B 77 -2.17 -25.67 13.64
C ARG B 77 -2.96 -24.36 13.75
N GLU B 78 -2.52 -23.33 13.01
CA GLU B 78 -3.33 -22.10 12.96
C GLU B 78 -4.67 -22.31 12.22
N ASP B 79 -4.76 -23.43 11.47
CA ASP B 79 -5.99 -23.84 10.82
C ASP B 79 -7.10 -24.10 11.85
N LEU B 80 -6.73 -24.34 13.11
CA LEU B 80 -7.71 -24.63 14.17
C LEU B 80 -8.18 -23.38 14.91
N LEU B 81 -7.59 -22.21 14.60
CA LEU B 81 -8.00 -20.98 15.29
C LEU B 81 -9.41 -20.65 14.81
N HIS B 82 -10.23 -19.99 15.68
CA HIS B 82 -11.52 -19.46 15.29
C HIS B 82 -11.35 -18.62 14.02
N GLY B 83 -12.18 -18.91 13.00
CA GLY B 83 -12.15 -18.27 11.69
C GLY B 83 -11.42 -19.13 10.66
N GLY B 84 -10.58 -20.05 11.11
CA GLY B 84 -9.89 -20.96 10.20
C GLY B 84 -8.57 -20.46 9.64
N ALA B 85 -8.05 -19.33 10.17
CA ALA B 85 -6.72 -18.89 9.74
C ALA B 85 -6.07 -18.05 10.83
N HIS B 86 -4.75 -17.87 10.71
CA HIS B 86 -3.97 -17.11 11.69
C HIS B 86 -4.42 -15.64 11.72
N LYS B 87 -5.13 -15.18 10.69
CA LYS B 87 -5.54 -13.76 10.60
C LYS B 87 -6.26 -13.29 11.87
N THR B 88 -6.99 -14.17 12.54
CA THR B 88 -7.75 -13.80 13.72
C THR B 88 -6.89 -13.23 14.85
N ASN B 89 -5.63 -13.68 14.96
CA ASN B 89 -4.83 -13.27 16.12
C ASN B 89 -4.72 -11.74 16.17
N GLN B 90 -4.27 -11.19 15.03
CA GLN B 90 -3.85 -9.79 15.07
C GLN B 90 -5.08 -8.88 14.88
N VAL B 91 -6.20 -9.39 14.31
CA VAL B 91 -7.41 -8.58 14.24
C VAL B 91 -7.91 -8.31 15.65
N LEU B 92 -7.77 -9.29 16.56
CA LEU B 92 -8.25 -9.10 17.90
C LEU B 92 -7.45 -8.00 18.60
N GLY B 93 -6.13 -8.01 18.39
CA GLY B 93 -5.26 -6.98 18.97
C GLY B 93 -5.58 -5.60 18.39
N GLN B 94 -5.70 -5.52 17.06
CA GLN B 94 -5.95 -4.24 16.40
C GLN B 94 -7.33 -3.71 16.80
N ALA B 95 -8.34 -4.59 16.98
CA ALA B 95 -9.66 -4.14 17.39
C ALA B 95 -9.60 -3.54 18.80
N LEU B 96 -8.80 -4.16 19.69
CA LEU B 96 -8.61 -3.59 21.01
C LEU B 96 -7.89 -2.25 20.92
N LEU B 97 -6.90 -2.10 20.01
CA LEU B 97 -6.21 -0.83 19.87
C LEU B 97 -7.22 0.22 19.43
N ALA B 98 -8.08 -0.16 18.46
CA ALA B 98 -9.07 0.79 17.97
C ALA B 98 -9.92 1.30 19.13
N LYS B 99 -10.36 0.38 20.01
CA LYS B 99 -11.14 0.77 21.17
C LYS B 99 -10.33 1.66 22.12
N ARG B 100 -9.03 1.37 22.28
CA ARG B 100 -8.17 2.13 23.18
C ARG B 100 -8.09 3.59 22.73
N MET B 101 -8.17 3.79 21.42
CA MET B 101 -8.03 5.08 20.76
C MET B 101 -9.38 5.79 20.70
N GLY B 102 -10.44 5.10 21.16
CA GLY B 102 -11.80 5.64 21.17
C GLY B 102 -12.46 5.64 19.79
N LYS B 103 -12.04 4.72 18.91
CA LYS B 103 -12.64 4.61 17.59
C LYS B 103 -13.83 3.65 17.64
N SER B 104 -14.82 3.88 16.78
CA SER B 104 -16.05 3.11 16.78
C SER B 104 -16.25 2.34 15.48
N GLU B 105 -15.39 2.60 14.48
CA GLU B 105 -15.54 2.03 13.15
C GLU B 105 -14.24 1.36 12.69
N ILE B 106 -14.38 0.35 11.81
CA ILE B 106 -13.25 -0.42 11.27
C ILE B 106 -13.31 -0.41 9.75
N ILE B 107 -12.15 -0.16 9.09
CA ILE B 107 -11.95 -0.38 7.66
C ILE B 107 -10.97 -1.54 7.49
N ALA B 108 -11.25 -2.44 6.52
CA ALA B 108 -10.29 -3.50 6.23
C ALA B 108 -10.32 -3.80 4.74
N GLU B 109 -9.17 -4.26 4.22
CA GLU B 109 -9.05 -4.79 2.87
C GLU B 109 -9.02 -6.29 2.99
N THR B 110 -9.43 -6.98 1.92
CA THR B 110 -9.24 -8.41 1.83
C THR B 110 -9.19 -8.78 0.35
N GLY B 111 -8.45 -9.84 0.06
CA GLY B 111 -8.42 -10.39 -1.29
C GLY B 111 -9.24 -11.68 -1.32
N ALA B 112 -8.66 -12.70 -0.68
CA ALA B 112 -9.26 -14.02 -0.53
C ALA B 112 -10.50 -13.92 0.35
N GLY B 113 -10.39 -13.16 1.44
CA GLY B 113 -11.59 -12.99 2.25
C GLY B 113 -11.39 -13.34 3.72
N ALA B 114 -10.30 -14.06 4.03
CA ALA B 114 -10.01 -14.52 5.38
C ALA B 114 -9.80 -13.35 6.35
N HIS B 115 -8.94 -12.42 5.97
CA HIS B 115 -8.81 -11.23 6.80
C HIS B 115 -10.13 -10.44 6.96
N GLY B 116 -10.92 -10.33 5.89
CA GLY B 116 -12.19 -9.61 5.96
C GLY B 116 -13.18 -10.28 6.91
N VAL B 117 -13.23 -11.62 6.85
CA VAL B 117 -14.07 -12.37 7.76
C VAL B 117 -13.55 -12.21 9.18
N ALA B 118 -12.22 -12.28 9.38
CA ALA B 118 -11.64 -12.10 10.70
C ALA B 118 -11.98 -10.69 11.22
N SER B 119 -11.91 -9.69 10.34
CA SER B 119 -12.21 -8.32 10.75
C SER B 119 -13.70 -8.19 11.10
N ALA B 120 -14.55 -8.84 10.29
CA ALA B 120 -15.98 -8.75 10.57
C ALA B 120 -16.33 -9.49 11.87
N LEU B 121 -15.68 -10.64 12.17
CA LEU B 121 -16.03 -11.36 13.39
C LEU B 121 -15.61 -10.56 14.62
N ALA B 122 -14.41 -9.98 14.53
CA ALA B 122 -13.87 -9.23 15.65
C ALA B 122 -14.76 -8.00 15.90
N SER B 123 -15.21 -7.36 14.79
CA SER B 123 -16.05 -6.18 14.86
C SER B 123 -17.39 -6.48 15.53
N ALA B 124 -17.98 -7.63 15.14
CA ALA B 124 -19.23 -8.10 15.73
C ALA B 124 -19.06 -8.31 17.23
N LEU B 125 -17.95 -8.93 17.64
CA LEU B 125 -17.74 -9.24 19.05
C LEU B 125 -17.53 -7.96 19.86
N LEU B 126 -16.82 -6.99 19.28
CA LEU B 126 -16.33 -5.91 20.14
C LEU B 126 -17.10 -4.61 19.90
N GLY B 127 -18.17 -4.67 19.10
CA GLY B 127 -19.09 -3.54 18.94
C GLY B 127 -18.52 -2.41 18.09
N LEU B 128 -17.84 -2.77 16.99
CA LEU B 128 -17.32 -1.84 16.01
C LEU B 128 -18.11 -2.03 14.72
N LYS B 129 -18.37 -0.91 14.04
CA LYS B 129 -19.01 -0.93 12.74
C LYS B 129 -17.95 -1.12 11.66
N CYS B 130 -18.07 -2.21 10.90
CA CYS B 130 -17.00 -2.67 10.01
C CYS B 130 -17.42 -2.53 8.55
N ARG B 131 -16.53 -1.93 7.75
CA ARG B 131 -16.61 -1.90 6.29
C ARG B 131 -15.35 -2.51 5.69
N ILE B 132 -15.56 -3.35 4.67
CA ILE B 132 -14.53 -4.15 4.06
C ILE B 132 -14.45 -3.76 2.60
N TYR B 133 -13.26 -3.31 2.18
CA TYR B 133 -13.04 -3.06 0.78
C TYR B 133 -12.47 -4.34 0.15
N MET B 134 -13.04 -4.69 -1.00
CA MET B 134 -12.64 -5.89 -1.70
C MET B 134 -12.72 -5.57 -3.20
N GLY B 135 -11.65 -5.89 -3.93
CA GLY B 135 -11.68 -5.77 -5.38
C GLY B 135 -12.89 -6.48 -5.96
N ALA B 136 -13.52 -5.83 -6.94
CA ALA B 136 -14.72 -6.34 -7.58
C ALA B 136 -14.47 -7.73 -8.17
N LYS B 137 -13.24 -7.97 -8.63
CA LYS B 137 -12.87 -9.27 -9.15
C LYS B 137 -12.89 -10.29 -8.01
N ASP B 138 -12.48 -9.86 -6.81
CA ASP B 138 -12.40 -10.74 -5.65
C ASP B 138 -13.82 -11.06 -5.15
N VAL B 139 -14.65 -10.01 -5.05
CA VAL B 139 -16.03 -10.13 -4.61
C VAL B 139 -16.71 -11.18 -5.47
N GLU B 140 -16.50 -11.10 -6.80
CA GLU B 140 -17.16 -11.96 -7.76
C GLU B 140 -16.83 -13.43 -7.49
N ARG B 141 -15.57 -13.70 -7.08
CA ARG B 141 -15.08 -15.07 -6.98
C ARG B 141 -14.95 -15.52 -5.54
N GLN B 142 -15.44 -14.69 -4.59
CA GLN B 142 -15.42 -15.07 -3.18
C GLN B 142 -16.79 -14.79 -2.53
N SER B 143 -17.85 -15.22 -3.22
CA SER B 143 -19.23 -15.13 -2.75
C SER B 143 -19.37 -15.71 -1.34
N PRO B 144 -18.75 -16.86 -0.99
CA PRO B 144 -18.90 -17.41 0.36
C PRO B 144 -18.39 -16.46 1.45
N ASN B 145 -17.18 -15.93 1.27
CA ASN B 145 -16.58 -15.07 2.28
C ASN B 145 -17.37 -13.76 2.38
N VAL B 146 -17.89 -13.28 1.25
CA VAL B 146 -18.62 -12.02 1.22
C VAL B 146 -19.91 -12.18 2.04
N PHE B 147 -20.50 -13.38 1.94
CA PHE B 147 -21.74 -13.66 2.63
C PHE B 147 -21.52 -13.77 4.15
N ARG B 148 -20.41 -14.41 4.57
CA ARG B 148 -20.08 -14.49 5.99
C ARG B 148 -19.89 -13.10 6.59
N MET B 149 -19.26 -12.21 5.82
CA MET B 149 -18.99 -10.87 6.30
C MET B 149 -20.32 -10.18 6.55
N ARG B 150 -21.27 -10.38 5.61
CA ARG B 150 -22.57 -9.75 5.65
C ARG B 150 -23.41 -10.34 6.79
N LEU B 151 -23.31 -11.66 7.00
CA LEU B 151 -23.97 -12.31 8.12
C LEU B 151 -23.49 -11.70 9.43
N MET B 152 -22.21 -11.34 9.46
CA MET B 152 -21.59 -10.90 10.69
C MET B 152 -21.74 -9.38 10.85
N GLY B 153 -22.49 -8.73 9.94
CA GLY B 153 -22.90 -7.35 10.14
C GLY B 153 -21.97 -6.34 9.45
N ALA B 154 -21.08 -6.84 8.58
CA ALA B 154 -20.09 -5.97 7.93
C ALA B 154 -20.66 -5.43 6.62
N GLU B 155 -20.24 -4.20 6.26
CA GLU B 155 -20.53 -3.63 4.97
C GLU B 155 -19.40 -4.04 4.03
N VAL B 156 -19.76 -4.63 2.89
CA VAL B 156 -18.74 -5.05 1.96
C VAL B 156 -18.82 -4.15 0.73
N ILE B 157 -17.73 -3.42 0.45
CA ILE B 157 -17.69 -2.43 -0.61
C ILE B 157 -16.79 -2.93 -1.74
N PRO B 158 -17.37 -3.28 -2.92
CA PRO B 158 -16.59 -3.66 -4.09
C PRO B 158 -15.80 -2.46 -4.63
N VAL B 159 -14.59 -2.73 -5.12
CA VAL B 159 -13.71 -1.70 -5.66
C VAL B 159 -13.49 -2.01 -7.14
N HIS B 160 -13.89 -1.04 -8.00
CA HIS B 160 -13.83 -1.19 -9.45
C HIS B 160 -12.63 -0.45 -10.02
N SER B 161 -11.93 0.30 -9.16
CA SER B 161 -10.76 1.08 -9.54
C SER B 161 -9.59 0.16 -9.88
N GLY B 162 -8.75 0.60 -10.83
CA GLY B 162 -7.55 -0.10 -11.24
C GLY B 162 -7.84 -1.46 -11.86
N SER B 163 -7.25 -2.51 -11.28
CA SER B 163 -7.41 -3.87 -11.76
C SER B 163 -8.53 -4.56 -10.97
N ALA B 164 -9.15 -3.81 -10.06
CA ALA B 164 -10.32 -4.26 -9.31
C ALA B 164 -9.93 -5.45 -8.44
N THR B 165 -8.79 -5.32 -7.74
CA THR B 165 -8.26 -6.44 -7.01
C THR B 165 -7.64 -5.97 -5.69
N LEU B 166 -6.85 -6.86 -5.05
CA LEU B 166 -6.38 -6.62 -3.68
C LEU B 166 -5.61 -5.29 -3.56
N LYS B 167 -4.80 -4.95 -4.56
CA LYS B 167 -4.00 -3.75 -4.42
C LYS B 167 -4.93 -2.53 -4.38
N ASP B 168 -5.95 -2.54 -5.26
CA ASP B 168 -6.87 -1.41 -5.41
C ASP B 168 -7.74 -1.34 -4.16
N ALA B 169 -8.11 -2.53 -3.70
CA ALA B 169 -8.76 -2.68 -2.40
C ALA B 169 -7.88 -2.06 -1.32
N CYS B 170 -6.56 -2.31 -1.37
CA CYS B 170 -5.61 -1.71 -0.45
C CYS B 170 -5.66 -0.20 -0.55
N ASN B 171 -5.73 0.36 -1.77
CA ASN B 171 -5.70 1.80 -1.99
C ASN B 171 -6.96 2.47 -1.43
N GLU B 172 -8.12 1.89 -1.73
CA GLU B 172 -9.41 2.42 -1.35
C GLU B 172 -9.53 2.51 0.18
N ALA B 173 -8.92 1.54 0.87
CA ALA B 173 -8.89 1.53 2.33
C ALA B 173 -8.10 2.70 2.88
N LEU B 174 -6.91 2.94 2.30
CA LEU B 174 -6.13 4.12 2.68
C LEU B 174 -6.90 5.39 2.32
N ARG B 175 -7.55 5.38 1.15
CA ARG B 175 -8.30 6.54 0.68
C ARG B 175 -9.36 6.94 1.71
N ASP B 176 -10.08 5.95 2.20
CA ASP B 176 -11.16 6.13 3.15
C ASP B 176 -10.62 6.66 4.48
N TRP B 177 -9.62 5.95 5.03
CA TRP B 177 -9.06 6.24 6.34
C TRP B 177 -8.59 7.69 6.46
N SER B 178 -7.99 8.23 5.40
CA SER B 178 -7.45 9.58 5.41
C SER B 178 -8.51 10.59 5.88
N GLY B 179 -9.76 10.32 5.48
CA GLY B 179 -10.86 11.21 5.74
C GLY B 179 -11.57 10.92 7.07
N SER B 180 -11.41 9.69 7.57
CA SER B 180 -12.28 9.13 8.60
C SER B 180 -11.52 8.77 9.88
N TYR B 181 -10.20 8.97 9.92
CA TYR B 181 -9.35 8.36 10.93
C TYR B 181 -9.71 8.85 12.33
N GLU B 182 -10.42 10.00 12.41
CA GLU B 182 -10.82 10.46 13.73
C GLU B 182 -11.81 9.48 14.37
N THR B 183 -12.62 8.81 13.54
CA THR B 183 -13.65 7.89 14.02
C THR B 183 -13.34 6.42 13.69
N ALA B 184 -12.59 6.17 12.60
CA ALA B 184 -12.36 4.82 12.09
C ALA B 184 -10.89 4.39 12.21
N HIS B 185 -10.69 3.10 12.48
CA HIS B 185 -9.36 2.51 12.45
C HIS B 185 -9.21 1.65 11.19
N TYR B 186 -8.06 1.77 10.51
CA TYR B 186 -7.79 0.91 9.37
C TYR B 186 -7.11 -0.39 9.84
N MET B 187 -7.84 -1.50 9.70
N MET B 187 -7.82 -1.52 9.72
CA MET B 187 -7.39 -2.83 10.12
CA MET B 187 -7.27 -2.77 10.24
C MET B 187 -6.63 -3.50 8.96
C MET B 187 -6.59 -3.53 9.10
N LEU B 188 -5.36 -3.13 8.79
CA LEU B 188 -4.54 -3.68 7.72
C LEU B 188 -4.28 -5.16 8.01
N GLY B 189 -4.36 -6.01 7.00
CA GLY B 189 -4.40 -7.44 7.24
C GLY B 189 -3.09 -8.18 7.11
N THR B 190 -1.96 -7.48 6.93
CA THR B 190 -0.68 -8.18 6.81
C THR B 190 0.47 -7.35 7.42
N ALA B 191 1.67 -7.95 7.49
CA ALA B 191 2.85 -7.28 8.06
C ALA B 191 3.52 -6.40 7.00
N ALA B 192 2.75 -5.48 6.43
CA ALA B 192 3.24 -4.63 5.35
C ALA B 192 2.53 -3.28 5.48
N GLY B 193 2.71 -2.44 4.47
CA GLY B 193 2.14 -1.10 4.56
C GLY B 193 3.06 -0.16 5.35
N PRO B 194 2.57 1.06 5.66
CA PRO B 194 3.43 2.03 6.34
C PRO B 194 3.58 1.69 7.82
N HIS B 195 4.72 2.07 8.40
CA HIS B 195 4.90 2.01 9.84
C HIS B 195 3.73 2.75 10.48
N PRO B 196 3.13 2.27 11.58
CA PRO B 196 3.65 1.13 12.35
C PRO B 196 3.09 -0.26 12.09
N TYR B 197 2.41 -0.44 10.96
CA TYR B 197 1.72 -1.69 10.72
C TYR B 197 2.66 -2.90 10.67
N PRO B 198 3.82 -2.91 10.00
CA PRO B 198 4.62 -4.14 9.99
C PRO B 198 5.04 -4.56 11.41
N THR B 199 5.30 -3.58 12.28
CA THR B 199 5.70 -3.85 13.65
C THR B 199 4.50 -4.34 14.47
N ILE B 200 3.35 -3.66 14.36
CA ILE B 200 2.15 -4.05 15.13
C ILE B 200 1.75 -5.49 14.76
N VAL B 201 1.68 -5.76 13.47
CA VAL B 201 1.15 -7.05 13.00
C VAL B 201 2.07 -8.18 13.47
N ARG B 202 3.38 -7.96 13.41
CA ARG B 202 4.33 -8.94 13.95
C ARG B 202 4.06 -9.18 15.43
N GLU B 203 3.95 -8.11 16.21
CA GLU B 203 3.87 -8.32 17.66
C GLU B 203 2.54 -8.98 18.05
N PHE B 204 1.49 -8.75 17.25
CA PHE B 204 0.19 -9.35 17.51
C PHE B 204 0.04 -10.71 16.80
N GLN B 205 1.12 -11.21 16.17
CA GLN B 205 1.13 -12.57 15.62
C GLN B 205 2.24 -13.41 16.29
N ARG B 206 3.05 -12.82 17.18
CA ARG B 206 4.28 -13.48 17.62
C ARG B 206 3.99 -14.66 18.55
N MET B 207 2.74 -14.78 19.02
CA MET B 207 2.45 -15.94 19.86
C MET B 207 2.56 -17.24 19.06
N ILE B 208 2.39 -17.19 17.73
CA ILE B 208 2.58 -18.37 16.89
C ILE B 208 3.95 -19.01 17.20
N GLY B 209 5.02 -18.22 17.03
CA GLY B 209 6.36 -18.74 17.23
C GLY B 209 6.67 -19.00 18.70
N GLU B 210 6.13 -18.17 19.61
CA GLU B 210 6.40 -18.37 21.03
C GLU B 210 5.82 -19.72 21.47
N GLU B 211 4.59 -20.01 21.05
CA GLU B 211 3.99 -21.31 21.36
C GLU B 211 4.78 -22.44 20.70
N THR B 212 5.13 -22.26 19.42
CA THR B 212 5.88 -23.29 18.68
C THR B 212 7.17 -23.66 19.43
N LYS B 213 7.89 -22.64 19.91
CA LYS B 213 9.13 -22.89 20.64
C LYS B 213 8.87 -23.71 21.91
N ALA B 214 7.88 -23.29 22.71
CA ALA B 214 7.57 -24.00 23.94
C ALA B 214 7.18 -25.46 23.63
N GLN B 215 6.40 -25.64 22.56
CA GLN B 215 5.83 -26.94 22.20
C GLN B 215 6.94 -27.87 21.69
N ILE B 216 7.88 -27.31 20.93
N ILE B 216 7.81 -27.35 20.82
CA ILE B 216 8.94 -28.16 20.38
CA ILE B 216 8.88 -28.17 20.28
C ILE B 216 9.95 -28.51 21.46
C ILE B 216 9.84 -28.54 21.42
N LEU B 217 10.19 -27.59 22.41
N LEU B 217 10.13 -27.59 22.31
CA LEU B 217 11.08 -27.94 23.52
CA LEU B 217 11.01 -27.87 23.44
C LEU B 217 10.47 -29.03 24.38
C LEU B 217 10.45 -29.02 24.29
N ASP B 218 9.14 -28.96 24.56
CA ASP B 218 8.48 -29.95 25.41
C ASP B 218 8.57 -31.33 24.75
N LYS B 219 8.35 -31.36 23.42
CA LYS B 219 8.18 -32.63 22.70
C LYS B 219 9.52 -33.23 22.29
N GLU B 220 10.51 -32.39 21.95
CA GLU B 220 11.75 -32.82 21.31
C GLU B 220 12.99 -32.48 22.13
N GLY B 221 12.86 -31.54 23.08
CA GLY B 221 13.96 -31.18 23.97
C GLY B 221 15.02 -30.29 23.32
N ARG B 222 14.64 -29.64 22.22
N ARG B 222 14.69 -29.73 22.15
CA ARG B 222 15.56 -28.80 21.47
CA ARG B 222 15.60 -28.89 21.38
C ARG B 222 14.75 -27.82 20.63
C ARG B 222 14.82 -28.07 20.35
N LEU B 223 15.47 -27.01 19.85
CA LEU B 223 14.84 -26.10 18.90
C LEU B 223 14.76 -26.77 17.54
N PRO B 224 13.84 -26.33 16.67
CA PRO B 224 13.75 -26.89 15.32
C PRO B 224 15.01 -26.53 14.51
N ASP B 225 15.33 -27.34 13.48
CA ASP B 225 16.37 -26.96 12.54
C ASP B 225 15.86 -25.85 11.63
N ALA B 226 14.56 -25.84 11.30
CA ALA B 226 14.00 -24.75 10.49
C ALA B 226 12.50 -24.64 10.70
N VAL B 227 11.98 -23.41 10.56
CA VAL B 227 10.56 -23.12 10.56
C VAL B 227 10.23 -22.52 9.19
N ILE B 228 9.11 -22.95 8.59
CA ILE B 228 8.80 -22.70 7.19
C ILE B 228 7.39 -22.14 7.11
N ALA B 229 7.21 -21.04 6.36
CA ALA B 229 5.90 -20.39 6.28
C ALA B 229 5.72 -19.75 4.91
N CYS B 230 4.47 -19.73 4.40
CA CYS B 230 4.16 -19.05 3.17
C CYS B 230 4.15 -17.53 3.40
N VAL B 231 4.42 -16.80 2.31
CA VAL B 231 4.57 -15.34 2.41
C VAL B 231 3.66 -14.72 1.34
N GLY B 232 2.54 -14.12 1.78
CA GLY B 232 1.67 -13.37 0.90
C GLY B 232 2.01 -11.89 1.00
N GLY B 233 1.80 -11.33 2.20
CA GLY B 233 2.30 -10.04 2.62
C GLY B 233 3.31 -10.21 3.75
N GLY B 234 3.22 -11.28 4.53
CA GLY B 234 4.26 -11.53 5.52
C GLY B 234 3.80 -11.86 6.94
N SER B 235 2.49 -11.79 7.24
CA SER B 235 2.05 -11.86 8.64
C SER B 235 2.23 -13.24 9.28
N ASN B 236 1.78 -14.33 8.61
CA ASN B 236 1.91 -15.59 9.34
C ASN B 236 3.38 -15.95 9.49
N ALA B 237 4.18 -15.63 8.47
CA ALA B 237 5.59 -15.99 8.52
C ALA B 237 6.33 -15.21 9.60
N ILE B 238 6.07 -13.88 9.65
CA ILE B 238 6.78 -13.14 10.69
C ILE B 238 6.27 -13.56 12.07
N GLY B 239 4.99 -13.92 12.18
CA GLY B 239 4.51 -14.40 13.47
C GLY B 239 5.23 -15.68 13.92
N MET B 240 5.50 -16.58 12.97
CA MET B 240 6.26 -17.78 13.30
C MET B 240 7.73 -17.46 13.55
N PHE B 241 8.34 -16.57 12.75
CA PHE B 241 9.77 -16.31 12.83
C PHE B 241 10.20 -15.51 14.07
N ALA B 242 9.36 -14.57 14.57
CA ALA B 242 9.86 -13.52 15.45
C ALA B 242 10.63 -14.06 16.66
N ASP B 243 10.04 -15.03 17.37
CA ASP B 243 10.64 -15.52 18.60
C ASP B 243 11.87 -16.40 18.36
N PHE B 244 12.13 -16.75 17.10
CA PHE B 244 13.32 -17.52 16.76
C PHE B 244 14.43 -16.68 16.14
N ILE B 245 14.21 -15.36 15.96
CA ILE B 245 15.21 -14.60 15.22
C ILE B 245 16.55 -14.63 15.97
N ASN B 246 16.53 -14.54 17.29
CA ASN B 246 17.80 -14.54 18.02
C ASN B 246 18.37 -15.94 18.29
N ASP B 247 17.63 -16.99 17.91
CA ASP B 247 18.16 -18.36 17.95
C ASP B 247 18.84 -18.66 16.63
N THR B 248 20.15 -18.39 16.57
CA THR B 248 20.86 -18.33 15.31
C THR B 248 20.91 -19.69 14.61
N SER B 249 20.75 -20.80 15.35
CA SER B 249 20.77 -22.13 14.75
C SER B 249 19.49 -22.46 13.99
N VAL B 250 18.41 -21.69 14.22
CA VAL B 250 17.12 -22.03 13.66
C VAL B 250 16.96 -21.37 12.28
N GLY B 251 16.79 -22.20 11.24
CA GLY B 251 16.53 -21.68 9.91
C GLY B 251 15.14 -21.05 9.79
N LEU B 252 15.05 -19.92 9.08
CA LEU B 252 13.80 -19.24 8.85
C LEU B 252 13.57 -19.25 7.34
N ILE B 253 12.56 -19.99 6.87
CA ILE B 253 12.33 -20.16 5.44
C ILE B 253 10.95 -19.64 5.07
N GLY B 254 10.91 -18.64 4.18
CA GLY B 254 9.67 -18.10 3.65
C GLY B 254 9.43 -18.55 2.22
N VAL B 255 8.18 -18.90 1.93
CA VAL B 255 7.83 -19.44 0.64
C VAL B 255 6.87 -18.50 -0.10
N GLU B 256 7.35 -17.91 -1.20
CA GLU B 256 6.51 -17.08 -2.05
C GLU B 256 5.82 -17.96 -3.09
N PRO B 257 4.68 -17.52 -3.67
CA PRO B 257 4.04 -18.26 -4.75
C PRO B 257 4.79 -18.14 -6.05
N GLY B 258 5.08 -19.29 -6.65
CA GLY B 258 5.69 -19.27 -7.98
C GLY B 258 4.70 -19.33 -9.14
N GLY B 259 3.40 -19.45 -8.85
CA GLY B 259 2.41 -19.38 -9.91
C GLY B 259 2.59 -20.46 -10.98
N HIS B 260 2.58 -20.03 -12.25
CA HIS B 260 2.80 -20.94 -13.37
C HIS B 260 4.29 -21.24 -13.61
N GLY B 261 5.14 -20.61 -12.79
CA GLY B 261 6.59 -20.73 -12.90
C GLY B 261 7.24 -19.35 -12.94
N ILE B 262 8.35 -19.18 -12.24
CA ILE B 262 8.99 -17.86 -12.22
C ILE B 262 9.28 -17.37 -13.64
N GLU B 263 9.76 -18.27 -14.50
CA GLU B 263 10.14 -17.93 -15.88
C GLU B 263 8.95 -17.42 -16.72
N THR B 264 7.70 -17.74 -16.34
CA THR B 264 6.51 -17.29 -17.05
C THR B 264 6.19 -15.83 -16.76
N GLY B 265 6.70 -15.31 -15.64
CA GLY B 265 6.35 -14.01 -15.08
C GLY B 265 4.99 -13.97 -14.39
N GLU B 266 4.26 -15.10 -14.45
N GLU B 266 4.26 -15.10 -14.42
CA GLU B 266 2.98 -15.21 -13.77
CA GLU B 266 2.96 -15.18 -13.77
C GLU B 266 3.20 -15.85 -12.41
C GLU B 266 3.15 -15.84 -12.40
N HIS B 267 3.56 -15.03 -11.42
CA HIS B 267 3.88 -15.50 -10.08
C HIS B 267 3.61 -14.37 -9.09
N GLY B 268 3.92 -14.58 -7.82
CA GLY B 268 3.80 -13.55 -6.79
C GLY B 268 5.01 -13.60 -5.87
N ALA B 269 6.22 -13.54 -6.48
CA ALA B 269 7.44 -13.71 -5.72
C ALA B 269 8.30 -12.47 -5.88
N PRO B 270 7.82 -11.28 -5.42
CA PRO B 270 8.62 -10.05 -5.52
C PRO B 270 9.88 -10.05 -4.67
N LEU B 271 9.90 -10.75 -3.52
CA LEU B 271 11.08 -10.65 -2.67
C LEU B 271 12.31 -11.15 -3.44
N LYS B 272 12.17 -12.29 -4.18
CA LYS B 272 13.32 -12.84 -4.88
C LYS B 272 13.34 -12.50 -6.37
N HIS B 273 12.21 -12.07 -6.95
CA HIS B 273 12.15 -11.87 -8.40
C HIS B 273 11.56 -10.53 -8.80
N GLY B 274 11.34 -9.64 -7.84
CA GLY B 274 10.92 -8.28 -8.14
C GLY B 274 12.07 -7.29 -8.01
N ARG B 275 11.72 -6.02 -7.74
CA ARG B 275 12.67 -4.92 -7.66
C ARG B 275 12.13 -3.98 -6.59
N VAL B 276 13.01 -3.40 -5.78
CA VAL B 276 12.55 -2.46 -4.78
C VAL B 276 11.79 -1.31 -5.45
N GLY B 277 10.65 -0.94 -4.84
CA GLY B 277 9.89 0.24 -5.24
C GLY B 277 9.23 0.87 -4.01
N ILE B 278 8.41 1.90 -4.25
CA ILE B 278 7.67 2.53 -3.18
C ILE B 278 6.18 2.52 -3.53
N TYR B 279 5.40 1.80 -2.73
CA TYR B 279 3.96 1.71 -2.95
C TYR B 279 3.30 1.13 -1.71
N PHE B 280 2.01 1.42 -1.55
CA PHE B 280 1.24 1.03 -0.37
C PHE B 280 1.93 1.49 0.91
N GLY B 281 2.56 2.67 0.88
CA GLY B 281 3.08 3.24 2.10
C GLY B 281 4.46 2.74 2.52
N MET B 282 5.11 1.91 1.68
CA MET B 282 6.38 1.31 2.10
C MET B 282 7.37 1.21 0.94
N LYS B 283 8.65 1.20 1.30
CA LYS B 283 9.74 0.85 0.38
C LYS B 283 10.05 -0.64 0.56
N ALA B 284 9.77 -1.40 -0.49
CA ALA B 284 9.82 -2.86 -0.43
C ALA B 284 9.94 -3.42 -1.84
N PRO B 285 10.39 -4.70 -1.95
CA PRO B 285 10.39 -5.37 -3.24
C PRO B 285 8.97 -5.43 -3.80
N MET B 286 8.82 -5.16 -5.09
N MET B 286 8.85 -5.12 -5.11
CA MET B 286 7.50 -5.33 -5.65
CA MET B 286 7.59 -4.99 -5.83
C MET B 286 7.63 -5.70 -7.12
C MET B 286 7.69 -5.79 -7.12
N MET B 287 6.56 -6.31 -7.60
CA MET B 287 6.53 -6.65 -9.01
C MET B 287 6.05 -5.43 -9.75
N GLN B 288 6.86 -5.02 -10.72
CA GLN B 288 6.59 -3.79 -11.43
C GLN B 288 7.14 -3.85 -12.85
N THR B 289 6.50 -3.08 -13.74
CA THR B 289 6.94 -2.98 -15.13
C THR B 289 8.27 -2.24 -15.12
N ALA B 290 8.95 -2.25 -16.28
CA ALA B 290 10.25 -1.62 -16.46
C ALA B 290 10.16 -0.14 -16.10
N ASP B 291 9.00 0.49 -16.37
CA ASP B 291 8.84 1.93 -16.18
C ASP B 291 8.13 2.26 -14.87
N GLY B 292 7.97 1.26 -13.98
CA GLY B 292 7.58 1.55 -12.61
C GLY B 292 6.08 1.53 -12.36
N GLN B 293 5.29 0.93 -13.28
CA GLN B 293 3.90 0.69 -12.94
C GLN B 293 3.85 -0.58 -12.10
N ILE B 294 2.91 -0.67 -11.15
CA ILE B 294 2.82 -1.87 -10.33
C ILE B 294 2.16 -2.96 -11.17
N GLU B 295 2.86 -4.11 -11.21
CA GLU B 295 2.47 -5.28 -11.99
C GLU B 295 1.39 -6.03 -11.23
N GLU B 296 0.66 -6.82 -12.01
CA GLU B 296 -0.29 -7.75 -11.45
C GLU B 296 0.48 -9.05 -11.15
N SER B 297 0.35 -9.52 -9.91
CA SER B 297 0.83 -10.83 -9.49
C SER B 297 -0.12 -11.93 -9.97
N TYR B 298 0.25 -13.18 -9.66
CA TYR B 298 -0.62 -14.34 -9.91
C TYR B 298 -0.24 -15.49 -8.97
N SER B 299 -1.27 -16.15 -8.40
CA SER B 299 -1.09 -17.44 -7.76
C SER B 299 -2.41 -18.20 -7.83
N ILE B 300 -2.34 -19.54 -7.81
CA ILE B 300 -3.56 -20.33 -7.65
C ILE B 300 -4.27 -19.98 -6.35
N SER B 301 -3.47 -19.59 -5.34
N SER B 301 -3.50 -19.55 -5.33
CA SER B 301 -3.94 -19.21 -4.03
CA SER B 301 -4.02 -19.26 -4.00
C SER B 301 -4.22 -17.70 -4.00
C SER B 301 -4.19 -17.75 -3.80
N ALA B 302 -5.46 -17.33 -3.68
CA ALA B 302 -5.86 -15.92 -3.68
C ALA B 302 -5.15 -15.16 -2.56
N GLY B 303 -4.88 -15.86 -1.44
CA GLY B 303 -4.26 -15.23 -0.29
C GLY B 303 -2.79 -14.89 -0.49
N LEU B 304 -2.14 -15.46 -1.52
CA LEU B 304 -0.73 -15.16 -1.79
C LEU B 304 -0.56 -14.21 -2.97
N ASP B 305 -1.65 -13.80 -3.58
CA ASP B 305 -1.62 -13.12 -4.87
C ASP B 305 -1.46 -11.63 -4.58
N PHE B 306 -0.23 -11.23 -4.26
CA PHE B 306 0.03 -9.83 -3.93
C PHE B 306 1.41 -9.49 -4.46
N PRO B 307 1.58 -8.37 -5.20
CA PRO B 307 2.84 -8.08 -5.85
C PRO B 307 3.87 -7.38 -4.97
N SER B 308 3.68 -7.38 -3.64
CA SER B 308 4.75 -6.88 -2.75
C SER B 308 4.91 -7.78 -1.53
N VAL B 309 5.66 -7.33 -0.50
CA VAL B 309 5.99 -8.15 0.67
C VAL B 309 6.39 -7.23 1.81
N GLY B 310 6.19 -7.65 3.06
CA GLY B 310 6.46 -6.76 4.18
C GLY B 310 7.97 -6.51 4.30
N PRO B 311 8.33 -5.31 4.81
CA PRO B 311 9.72 -4.89 4.77
C PRO B 311 10.65 -5.66 5.70
N GLN B 312 10.11 -6.23 6.80
CA GLN B 312 10.97 -6.99 7.69
C GLN B 312 11.49 -8.26 6.99
N HIS B 313 10.69 -8.85 6.10
CA HIS B 313 11.14 -10.01 5.33
C HIS B 313 12.25 -9.59 4.37
N ALA B 314 12.05 -8.46 3.67
CA ALA B 314 13.10 -8.00 2.75
C ALA B 314 14.40 -7.78 3.52
N TYR B 315 14.31 -7.27 4.76
CA TYR B 315 15.47 -7.01 5.60
C TYR B 315 16.14 -8.31 6.04
N LEU B 316 15.32 -9.24 6.54
CA LEU B 316 15.89 -10.48 7.02
C LEU B 316 16.55 -11.26 5.89
N ASN B 317 15.99 -11.16 4.68
CA ASN B 317 16.64 -11.73 3.50
C ASN B 317 17.99 -11.07 3.26
N SER B 318 17.99 -9.73 3.25
N SER B 318 18.01 -9.74 3.28
CA SER B 318 19.19 -9.00 2.84
CA SER B 318 19.19 -9.00 2.85
C SER B 318 20.40 -9.34 3.71
C SER B 318 20.41 -9.33 3.72
N ILE B 319 20.20 -9.56 5.02
CA ILE B 319 21.30 -9.86 5.94
C ILE B 319 21.56 -11.37 6.06
N GLY B 320 20.80 -12.20 5.32
CA GLY B 320 21.03 -13.64 5.34
C GLY B 320 20.43 -14.36 6.54
N ARG B 321 19.59 -13.67 7.33
CA ARG B 321 19.02 -14.33 8.52
C ARG B 321 17.90 -15.27 8.10
N ALA B 322 17.13 -14.89 7.08
CA ALA B 322 16.06 -15.73 6.54
C ALA B 322 16.32 -15.99 5.07
N ASP B 323 15.87 -17.17 4.61
CA ASP B 323 15.97 -17.57 3.22
C ASP B 323 14.58 -17.67 2.62
N TYR B 324 14.44 -17.26 1.35
CA TYR B 324 13.15 -17.22 0.68
C TYR B 324 13.24 -18.03 -0.60
N VAL B 325 12.16 -18.78 -0.86
CA VAL B 325 12.11 -19.73 -1.97
C VAL B 325 10.73 -19.57 -2.62
N SER B 326 10.46 -20.29 -3.72
CA SER B 326 9.14 -20.26 -4.32
C SER B 326 8.65 -21.69 -4.60
N ILE B 327 7.32 -21.82 -4.68
CA ILE B 327 6.62 -23.09 -4.91
C ILE B 327 5.54 -22.81 -5.95
N THR B 328 5.45 -23.64 -7.01
CA THR B 328 4.51 -23.39 -8.08
C THR B 328 3.11 -23.88 -7.70
N ASP B 329 2.11 -23.47 -8.50
CA ASP B 329 0.74 -23.92 -8.34
C ASP B 329 0.72 -25.46 -8.27
N ASP B 330 1.43 -26.13 -9.18
CA ASP B 330 1.33 -27.61 -9.23
C ASP B 330 1.96 -28.23 -7.97
N GLU B 331 3.07 -27.67 -7.50
CA GLU B 331 3.69 -28.18 -6.29
C GLU B 331 2.77 -28.01 -5.09
N ALA B 332 2.15 -26.83 -4.98
CA ALA B 332 1.22 -26.55 -3.89
C ALA B 332 0.04 -27.51 -3.93
N LEU B 333 -0.49 -27.80 -5.14
CA LEU B 333 -1.64 -28.70 -5.27
C LEU B 333 -1.28 -30.12 -4.82
N GLU B 334 -0.06 -30.57 -5.15
N GLU B 334 -0.04 -30.55 -5.09
CA GLU B 334 0.38 -31.90 -4.73
CA GLU B 334 0.37 -31.90 -4.75
C GLU B 334 0.43 -31.95 -3.20
C GLU B 334 0.65 -32.03 -3.24
N ALA B 335 0.98 -30.91 -2.58
CA ALA B 335 1.15 -30.91 -1.13
C ALA B 335 -0.24 -30.94 -0.46
N PHE B 336 -1.21 -30.20 -1.05
CA PHE B 336 -2.60 -30.19 -0.59
C PHE B 336 -3.15 -31.62 -0.54
N LYS B 337 -3.03 -32.31 -1.67
CA LYS B 337 -3.56 -33.67 -1.84
C LYS B 337 -2.86 -34.61 -0.86
N THR B 338 -1.55 -34.50 -0.75
CA THR B 338 -0.77 -35.38 0.13
C THR B 338 -1.18 -35.21 1.60
N LEU B 339 -1.36 -33.95 2.06
CA LEU B 339 -1.73 -33.79 3.46
C LEU B 339 -3.14 -34.37 3.72
N CYS B 340 -4.08 -34.16 2.80
CA CYS B 340 -5.44 -34.65 2.96
C CYS B 340 -5.39 -36.18 3.11
N ARG B 341 -4.62 -36.84 2.23
CA ARG B 341 -4.68 -38.29 2.07
C ARG B 341 -3.87 -39.00 3.15
N HIS B 342 -2.83 -38.35 3.68
CA HIS B 342 -1.89 -39.06 4.54
C HIS B 342 -1.99 -38.59 6.00
N GLU B 343 -2.55 -37.40 6.23
CA GLU B 343 -2.66 -36.91 7.60
C GLU B 343 -4.10 -36.51 7.99
N GLY B 344 -5.05 -36.48 7.05
CA GLY B 344 -6.43 -36.17 7.35
C GLY B 344 -6.65 -34.70 7.71
N ILE B 345 -5.79 -33.81 7.16
CA ILE B 345 -5.90 -32.38 7.41
C ILE B 345 -6.02 -31.71 6.05
N ILE B 346 -7.05 -30.87 5.87
CA ILE B 346 -7.22 -30.18 4.59
C ILE B 346 -6.61 -28.79 4.78
N PRO B 347 -5.45 -28.51 4.14
CA PRO B 347 -4.75 -27.23 4.37
C PRO B 347 -5.24 -26.18 3.39
N ALA B 348 -5.15 -24.91 3.82
CA ALA B 348 -5.35 -23.83 2.86
C ALA B 348 -4.33 -23.98 1.73
N LEU B 349 -4.71 -23.58 0.50
CA LEU B 349 -3.74 -23.59 -0.59
C LEU B 349 -2.57 -22.64 -0.29
N GLU B 350 -2.78 -21.58 0.53
CA GLU B 350 -1.65 -20.72 0.89
C GLU B 350 -0.62 -21.55 1.66
N SER B 351 -1.08 -22.18 2.74
CA SER B 351 -0.25 -22.96 3.63
C SER B 351 0.39 -24.13 2.88
N SER B 352 -0.31 -24.62 1.84
CA SER B 352 0.16 -25.74 1.05
C SER B 352 1.48 -25.41 0.35
N HIS B 353 1.75 -24.11 0.14
CA HIS B 353 3.03 -23.75 -0.44
C HIS B 353 4.16 -24.00 0.56
N ALA B 354 3.94 -23.65 1.84
CA ALA B 354 4.91 -23.94 2.89
C ALA B 354 5.15 -25.45 3.01
N LEU B 355 4.03 -26.21 3.10
CA LEU B 355 4.17 -27.67 3.19
C LEU B 355 4.95 -28.22 2.00
N ALA B 356 4.63 -27.77 0.77
CA ALA B 356 5.30 -28.26 -0.43
C ALA B 356 6.82 -28.08 -0.32
N HIS B 357 7.27 -26.93 0.23
CA HIS B 357 8.71 -26.75 0.32
C HIS B 357 9.33 -27.69 1.37
N ALA B 358 8.62 -27.91 2.49
CA ALA B 358 9.12 -28.87 3.48
C ALA B 358 9.21 -30.27 2.88
N LEU B 359 8.23 -30.63 2.03
CA LEU B 359 8.24 -31.96 1.40
C LEU B 359 9.46 -32.08 0.47
N LYS B 360 9.78 -30.98 -0.22
N LYS B 360 9.81 -30.98 -0.23
CA LYS B 360 10.93 -30.93 -1.10
CA LYS B 360 10.99 -31.00 -1.09
C LYS B 360 12.23 -31.06 -0.28
C LYS B 360 12.26 -31.11 -0.25
N MET B 361 12.33 -30.36 0.86
CA MET B 361 13.49 -30.51 1.75
C MET B 361 13.74 -31.96 2.16
N MET B 362 12.63 -32.64 2.52
CA MET B 362 12.71 -34.06 2.87
C MET B 362 13.08 -34.92 1.65
N ARG B 363 12.35 -34.76 0.54
CA ARG B 363 12.48 -35.70 -0.56
C ARG B 363 13.84 -35.58 -1.25
N GLU B 364 14.37 -34.34 -1.32
CA GLU B 364 15.64 -34.12 -2.03
C GLU B 364 16.81 -34.80 -1.30
N GLN B 365 16.71 -34.85 0.03
CA GLN B 365 17.80 -35.31 0.90
C GLN B 365 17.20 -36.17 2.01
N PRO B 366 16.72 -37.40 1.68
CA PRO B 366 15.87 -38.17 2.59
C PRO B 366 16.64 -38.78 3.75
N GLU B 367 17.98 -38.79 3.70
CA GLU B 367 18.81 -39.25 4.80
C GLU B 367 19.40 -38.10 5.60
N LYS B 368 18.99 -36.88 5.30
CA LYS B 368 19.40 -35.76 6.15
C LYS B 368 18.52 -35.71 7.40
N GLU B 369 19.17 -35.69 8.57
CA GLU B 369 18.42 -35.54 9.81
C GLU B 369 17.94 -34.09 9.95
N GLN B 370 16.63 -33.88 10.00
CA GLN B 370 16.14 -32.51 10.14
C GLN B 370 14.79 -32.49 10.87
N LEU B 371 14.66 -31.54 11.80
CA LEU B 371 13.45 -31.30 12.58
C LEU B 371 12.83 -30.00 12.06
N LEU B 372 11.70 -30.14 11.36
CA LEU B 372 11.08 -29.03 10.65
C LEU B 372 9.73 -28.71 11.26
N VAL B 373 9.36 -27.41 11.29
CA VAL B 373 7.99 -26.99 11.59
C VAL B 373 7.46 -26.19 10.40
N VAL B 374 6.29 -26.59 9.89
CA VAL B 374 5.53 -25.81 8.91
C VAL B 374 4.42 -25.07 9.62
N ASN B 375 4.32 -23.76 9.33
CA ASN B 375 3.20 -23.00 9.87
C ASN B 375 1.97 -23.28 9.01
N LEU B 376 0.98 -24.03 9.53
CA LEU B 376 -0.22 -24.28 8.74
C LEU B 376 -1.20 -23.15 9.00
N SER B 377 -1.03 -22.12 8.18
CA SER B 377 -1.68 -20.83 8.42
C SER B 377 -3.22 -20.87 8.37
N GLY B 378 -3.81 -21.79 7.57
CA GLY B 378 -5.26 -21.85 7.52
C GLY B 378 -5.76 -23.22 7.06
N ARG B 379 -7.08 -23.44 7.20
N ARG B 379 -7.07 -23.44 7.21
CA ARG B 379 -7.72 -24.65 6.70
CA ARG B 379 -7.72 -24.64 6.70
C ARG B 379 -8.25 -24.40 5.29
C ARG B 379 -8.12 -24.40 5.24
N GLY B 380 -8.39 -25.50 4.53
CA GLY B 380 -8.58 -25.41 3.09
C GLY B 380 -10.00 -25.71 2.61
N ASP B 381 -10.97 -25.60 3.52
CA ASP B 381 -12.37 -25.76 3.16
C ASP B 381 -12.71 -24.82 2.00
N LYS B 382 -12.20 -23.58 2.06
CA LYS B 382 -12.45 -22.52 1.09
C LYS B 382 -11.92 -22.90 -0.31
N ASP B 383 -11.04 -23.90 -0.38
CA ASP B 383 -10.28 -24.20 -1.58
C ASP B 383 -10.79 -25.44 -2.31
N ILE B 384 -11.76 -26.15 -1.72
CA ILE B 384 -12.12 -27.47 -2.26
C ILE B 384 -12.77 -27.32 -3.64
N PHE B 385 -13.59 -26.28 -3.84
CA PHE B 385 -14.18 -26.03 -5.16
C PHE B 385 -13.09 -25.76 -6.19
N THR B 386 -12.09 -24.95 -5.83
CA THR B 386 -11.01 -24.60 -6.73
C THR B 386 -10.22 -25.85 -7.11
N VAL B 387 -9.91 -26.67 -6.10
CA VAL B 387 -9.14 -27.88 -6.32
C VAL B 387 -9.98 -28.86 -7.15
N HIS B 388 -11.29 -28.96 -6.84
CA HIS B 388 -12.19 -29.82 -7.60
C HIS B 388 -12.09 -29.51 -9.09
N ASP B 389 -12.21 -28.22 -9.43
CA ASP B 389 -12.32 -27.78 -10.82
C ASP B 389 -11.02 -28.04 -11.58
N ILE B 390 -9.88 -28.00 -10.87
CA ILE B 390 -8.59 -28.27 -11.50
C ILE B 390 -8.46 -29.76 -11.78
N LEU B 391 -8.67 -30.60 -10.75
CA LEU B 391 -8.54 -32.04 -10.87
C LEU B 391 -9.46 -32.57 -11.97
N LYS B 392 -10.62 -31.89 -12.14
CA LYS B 392 -11.59 -32.30 -13.13
C LYS B 392 -11.10 -31.93 -14.53
N ALA B 393 -10.52 -30.74 -14.65
CA ALA B 393 -10.04 -30.21 -15.93
C ALA B 393 -8.79 -30.96 -16.37
N ARG B 394 -8.11 -31.61 -15.41
CA ARG B 394 -7.03 -32.54 -15.69
C ARG B 394 -7.61 -33.92 -16.02
N GLY B 395 -8.70 -34.28 -15.32
CA GLY B 395 -9.37 -35.56 -15.50
C GLY B 395 -8.87 -36.60 -14.50
N GLU B 396 -8.92 -36.26 -13.21
CA GLU B 396 -8.31 -37.05 -12.16
C GLU B 396 -9.41 -37.65 -11.28
C1 PEG C . 16.92 3.60 -7.16
O1 PEG C . 17.80 3.62 -6.05
C2 PEG C . 16.21 2.30 -7.29
O2 PEG C . 15.16 2.42 -8.26
C3 PEG C . 14.02 1.61 -7.95
C4 PEG C . 14.14 0.30 -8.62
O4 PEG C . 14.66 -0.69 -7.75
N SER D . 12.58 27.30 -7.74
CA SER D . 13.81 26.59 -8.21
C SER D . 14.50 25.93 -7.02
O SER D . 15.10 24.85 -7.18
CB SER D . 14.74 27.54 -8.92
OG SER D . 15.73 26.83 -9.65
OXT SER D . 14.48 26.46 -5.90
S DMS E . 11.18 28.49 1.44
O DMS E . 11.18 28.61 -0.07
C1 DMS E . 11.63 30.10 2.00
C2 DMS E . 12.69 27.69 1.92
S DMS F . -1.33 39.60 -4.77
O DMS F . 0.05 39.18 -4.33
C1 DMS F . -1.86 40.83 -3.59
C2 DMS F . -2.43 38.30 -4.28
CL CL G . 4.70 30.89 -21.29
CL CL H . -2.63 15.49 -4.32
C1 EDO I . 22.56 -12.73 11.18
O1 EDO I . 21.44 -12.04 11.71
C2 EDO I . 22.13 -13.89 10.37
O2 EDO I . 22.39 -13.68 8.99
C1 EDO J . 1.04 15.60 8.86
O1 EDO J . -0.31 16.05 8.67
C2 EDO J . 1.48 15.42 10.26
O2 EDO J . 2.83 15.03 10.42
C KOU K . -6.87 -12.23 3.05
N KOU K . -5.03 -13.93 2.94
O KOU K . -7.37 -11.23 2.48
P KOU K . 0.25 -13.45 5.13
N1 KOU K . -2.56 -18.01 4.86
C2 KOU K . -3.87 -17.73 4.85
C3 KOU K . -4.35 -16.52 4.26
O3 KOU K . -5.68 -16.27 4.23
C4 KOU K . -3.41 -15.58 3.79
C5 KOU K . -2.05 -15.89 3.86
C6 KOU K . -1.66 -17.09 4.41
CA KOU K . -5.38 -12.51 2.90
CB KOU K . -4.66 -11.69 1.84
OG KOU K . -4.16 -10.63 2.69
O1P KOU K . 0.26 -14.45 6.27
C2A KOU K . -4.80 -18.77 5.39
O2P KOU K . -0.04 -12.04 5.68
O3P KOU K . 1.50 -13.50 4.32
C4A KOU K . -3.83 -14.30 3.17
O4P KOU K . -0.96 -13.72 4.15
C5A KOU K . -0.98 -14.95 3.35
OXT KOU K . -7.50 -13.04 3.74
S DMS L . -7.89 -23.26 26.07
O DMS L . -8.39 -22.36 24.85
C1 DMS L . -9.24 -24.37 26.45
C2 DMS L . -6.76 -24.42 25.33
S DMS M . -1.45 -11.90 24.34
O DMS M . -1.08 -13.26 24.89
C1 DMS M . -0.90 -10.72 25.53
C2 DMS M . -0.23 -11.57 23.10
S DMS N . 12.91 5.90 16.88
O DMS N . 13.96 4.81 16.74
C1 DMS N . 13.07 6.92 15.44
C2 DMS N . 13.56 7.03 18.07
S DMS O . 16.38 5.54 6.17
O DMS O . 16.45 4.02 6.23
C1 DMS O . 17.69 6.07 5.11
C2 DMS O . 17.05 6.15 7.69
S DMS P . 2.50 -24.17 25.22
O DMS P . 1.12 -24.48 24.67
C1 DMS P . 2.36 -24.24 26.99
C2 DMS P . 2.70 -22.43 25.07
CS CS Q . 10.47 -39.90 9.72
CS CS Q . 10.88 -39.90 10.42
CS CS R . 5.27 -12.24 -1.51
CS CS R . 3.45 -12.25 -2.40
CL CL S . 19.61 -24.97 10.67
CL CL T . 21.01 -20.25 5.68
#